data_1F59
#
_entry.id   1F59
#
_cell.length_a   67.246
_cell.length_b   211.790
_cell.length_c   125.815
_cell.angle_alpha   90.00
_cell.angle_beta   90.00
_cell.angle_gamma   90.00
#
_symmetry.space_group_name_H-M   'P 21 21 2'
#
loop_
_entity.id
_entity.type
_entity.pdbx_description
1 polymer 'IMPORTIN BETA-1'
2 polymer 'FXFG NUCLEOPORIN REPEATS'
#
loop_
_entity_poly.entity_id
_entity_poly.type
_entity_poly.pdbx_seq_one_letter_code
_entity_poly.pdbx_strand_id
1 'polypeptide(L)'
;MELITILEKTVSPDRLELEAAQKFLERAAVENLPTFLVELSRVLANPGNSQVARVAAGLQIKNSLTSKDPDIKAQYQQRW
LAIDANARREVKNYVLHTLGTETYRPSSASQCVAGIACAEIPVNQWPELIPQLVANVTNPNSTEHMKESTLEAIGYICQD
IDPEQLQDKSNEILTAIIQGMRKEEPSNNVKLAATNALLNSLEFTKANFDKESERHFIMQVVCEATQCPDTRVRVAALQN
LVKIMSLYYQYMETYMGPALFAITIEAMKSDIDEVALQGIEFWSNVCDEEMDLAIEASEAAEQGRPPEHTSKFYAKGALQ
YLVPILTQTLTKQDENDDDDDWNPCKAAGVCLMLLATCCEDDIVPHVLPFIKEHIKNPDWRYRDAAVMAFGCILEGPEPS
QLKPLVIQAMPTLIELMKDPSVVVRDTAAWTVGRICELLPEA
;
A,B
2 'polypeptide(L)' (UNK)DDSKPAFSFG(UNK)(UNK)(UNK)(UNK)(UNK)(UNK)(UNK)(UNK)(UNK)(UNK)(UNK)AFSFG(UNK) C,D
#
# COMPACT_ATOMS: atom_id res chain seq x y z
N MET A 1 -13.80 16.42 55.15
CA MET A 1 -14.00 16.65 53.69
C MET A 1 -15.47 16.58 53.35
N GLU A 2 -16.03 17.65 52.78
CA GLU A 2 -17.42 17.56 52.41
C GLU A 2 -17.43 16.66 51.19
N LEU A 3 -18.54 15.98 50.96
CA LEU A 3 -18.65 15.09 49.82
C LEU A 3 -18.46 15.94 48.57
N ILE A 4 -19.02 17.14 48.61
CA ILE A 4 -18.94 18.04 47.47
C ILE A 4 -17.50 18.11 47.01
N THR A 5 -16.59 18.34 47.94
CA THR A 5 -15.18 18.44 47.60
C THR A 5 -14.61 17.19 46.93
N ILE A 6 -14.89 16.00 47.45
CA ILE A 6 -14.35 14.83 46.80
C ILE A 6 -15.00 14.68 45.44
N LEU A 7 -16.32 14.82 45.36
CA LEU A 7 -16.98 14.69 44.05
C LEU A 7 -16.19 15.53 43.06
N GLU A 8 -15.87 16.76 43.45
CA GLU A 8 -15.13 17.65 42.55
C GLU A 8 -13.75 17.18 42.15
N LYS A 9 -13.06 16.47 43.01
CA LYS A 9 -11.73 16.04 42.63
C LYS A 9 -11.73 14.90 41.62
N THR A 10 -12.91 14.47 41.17
CA THR A 10 -12.94 13.39 40.18
C THR A 10 -12.75 13.93 38.78
N VAL A 11 -12.55 15.23 38.68
CA VAL A 11 -12.37 15.86 37.39
C VAL A 11 -11.04 16.62 37.39
N SER A 12 -10.49 16.80 38.59
CA SER A 12 -9.22 17.47 38.76
C SER A 12 -8.27 16.95 37.71
N PRO A 13 -7.37 17.81 37.22
CA PRO A 13 -6.41 17.39 36.20
C PRO A 13 -5.22 16.65 36.84
N ASP A 14 -4.95 16.98 38.10
CA ASP A 14 -3.85 16.33 38.84
C ASP A 14 -4.20 14.85 38.93
N ARG A 15 -3.25 13.99 38.54
CA ARG A 15 -3.49 12.55 38.57
C ARG A 15 -3.64 12.01 39.98
N LEU A 16 -2.94 12.59 40.95
CA LEU A 16 -3.08 12.13 42.34
C LEU A 16 -4.51 12.45 42.76
N GLU A 17 -4.89 13.73 42.70
CA GLU A 17 -6.25 14.14 43.05
C GLU A 17 -7.24 13.07 42.59
N LEU A 18 -7.30 12.86 41.28
CA LEU A 18 -8.20 11.88 40.69
C LEU A 18 -8.20 10.60 41.48
N GLU A 19 -7.01 10.08 41.74
CA GLU A 19 -6.84 8.83 42.49
C GLU A 19 -7.62 8.87 43.81
N ALA A 20 -7.17 9.71 44.73
CA ALA A 20 -7.82 9.83 46.03
C ALA A 20 -9.32 9.80 45.86
N ALA A 21 -9.88 10.87 45.30
CA ALA A 21 -11.31 10.99 45.08
C ALA A 21 -11.93 9.65 44.66
N GLN A 22 -11.24 8.95 43.76
CA GLN A 22 -11.75 7.69 43.28
C GLN A 22 -11.76 6.58 44.33
N LYS A 23 -10.66 6.36 45.04
CA LYS A 23 -10.67 5.30 46.04
C LYS A 23 -11.60 5.66 47.19
N PHE A 24 -11.56 6.90 47.64
CA PHE A 24 -12.45 7.30 48.72
C PHE A 24 -13.91 7.01 48.37
N LEU A 25 -14.33 7.35 47.16
CA LEU A 25 -15.71 7.13 46.70
C LEU A 25 -16.02 5.68 46.40
N GLU A 26 -14.97 4.89 46.24
CA GLU A 26 -15.12 3.49 45.93
C GLU A 26 -15.32 2.72 47.21
N ARG A 27 -14.59 3.12 48.26
CA ARG A 27 -14.72 2.47 49.56
C ARG A 27 -16.09 2.83 50.13
N ALA A 28 -16.46 4.09 50.00
CA ALA A 28 -17.75 4.55 50.49
C ALA A 28 -18.90 3.66 50.04
N ALA A 29 -18.92 3.32 48.75
CA ALA A 29 -19.98 2.50 48.18
C ALA A 29 -19.96 1.08 48.70
N VAL A 30 -18.78 0.65 49.14
CA VAL A 30 -18.59 -0.69 49.64
C VAL A 30 -18.44 -0.75 51.14
N GLU A 31 -19.00 0.20 51.87
CA GLU A 31 -18.74 0.24 53.31
C GLU A 31 -19.65 1.17 54.03
N ASN A 32 -20.47 1.90 53.29
CA ASN A 32 -21.39 2.87 53.85
C ASN A 32 -22.39 3.20 52.75
N LEU A 33 -22.69 2.20 51.93
CA LEU A 33 -23.55 2.42 50.78
C LEU A 33 -24.89 3.08 51.04
N PRO A 34 -25.63 2.67 52.07
CA PRO A 34 -26.90 3.36 52.21
C PRO A 34 -26.76 4.86 52.45
N THR A 35 -25.84 5.22 53.35
CA THR A 35 -25.58 6.61 53.70
C THR A 35 -25.06 7.33 52.46
N PHE A 36 -24.07 6.72 51.84
CA PHE A 36 -23.44 7.24 50.66
C PHE A 36 -24.49 7.58 49.60
N LEU A 37 -25.42 6.66 49.33
CA LEU A 37 -26.44 6.93 48.34
C LEU A 37 -27.32 8.07 48.78
N VAL A 38 -27.54 8.23 50.08
CA VAL A 38 -28.39 9.32 50.48
C VAL A 38 -27.71 10.66 50.32
N GLU A 39 -26.48 10.77 50.83
CA GLU A 39 -25.76 12.03 50.71
C GLU A 39 -25.70 12.42 49.22
N LEU A 40 -25.05 11.61 48.41
CA LEU A 40 -24.92 11.84 46.97
C LEU A 40 -26.21 12.35 46.40
N SER A 41 -27.28 11.60 46.65
CA SER A 41 -28.58 11.95 46.14
C SER A 41 -29.03 13.30 46.68
N ARG A 42 -28.51 13.69 47.85
CA ARG A 42 -28.85 15.00 48.41
C ARG A 42 -28.09 16.08 47.62
N VAL A 43 -26.82 15.80 47.31
CA VAL A 43 -26.01 16.73 46.53
C VAL A 43 -26.72 17.06 45.23
N LEU A 44 -26.97 16.01 44.46
CA LEU A 44 -27.64 16.07 43.16
C LEU A 44 -28.87 16.95 43.18
N ALA A 45 -29.51 17.00 44.33
CA ALA A 45 -30.75 17.74 44.47
C ALA A 45 -30.66 19.22 44.75
N ASN A 46 -29.57 19.67 45.36
CA ASN A 46 -29.42 21.07 45.73
C ASN A 46 -28.96 22.01 44.61
N PRO A 47 -29.87 22.87 44.09
CA PRO A 47 -29.47 23.79 43.01
C PRO A 47 -28.35 24.73 43.44
N GLY A 48 -28.00 24.68 44.72
CA GLY A 48 -26.94 25.54 45.18
C GLY A 48 -25.59 24.98 44.83
N ASN A 49 -25.56 23.80 44.26
CA ASN A 49 -24.29 23.18 43.92
C ASN A 49 -23.85 23.34 42.46
N SER A 50 -22.54 23.23 42.26
CA SER A 50 -21.92 23.39 40.95
C SER A 50 -22.31 22.33 39.96
N GLN A 51 -22.39 22.72 38.68
CA GLN A 51 -22.73 21.77 37.64
C GLN A 51 -21.80 20.59 37.80
N VAL A 52 -20.54 20.87 38.06
CA VAL A 52 -19.54 19.84 38.24
C VAL A 52 -19.94 18.83 39.29
N ALA A 53 -20.13 19.29 40.53
CA ALA A 53 -20.50 18.42 41.62
C ALA A 53 -21.84 17.73 41.45
N ARG A 54 -22.88 18.50 41.10
CA ARG A 54 -24.22 17.92 40.90
C ARG A 54 -24.14 16.74 39.94
N VAL A 55 -23.39 16.92 38.87
CA VAL A 55 -23.19 15.91 37.85
C VAL A 55 -22.37 14.73 38.32
N ALA A 56 -21.30 15.00 39.05
CA ALA A 56 -20.44 13.94 39.54
C ALA A 56 -21.25 13.05 40.46
N ALA A 57 -22.10 13.69 41.24
CA ALA A 57 -22.92 12.96 42.19
C ALA A 57 -23.85 12.03 41.44
N GLY A 58 -24.57 12.58 40.48
CA GLY A 58 -25.48 11.77 39.68
C GLY A 58 -24.80 10.54 39.13
N LEU A 59 -23.63 10.69 38.55
CA LEU A 59 -22.85 9.60 37.98
C LEU A 59 -22.62 8.52 39.01
N GLN A 60 -22.19 8.89 40.21
CA GLN A 60 -21.93 7.93 41.30
C GLN A 60 -23.16 7.11 41.66
N ILE A 61 -24.34 7.66 41.45
CA ILE A 61 -25.56 6.92 41.73
C ILE A 61 -25.75 5.92 40.61
N LYS A 62 -25.68 6.40 39.37
CA LYS A 62 -25.84 5.55 38.19
C LYS A 62 -24.86 4.38 38.27
N ASN A 63 -23.59 4.66 38.50
CA ASN A 63 -22.57 3.60 38.57
C ASN A 63 -22.73 2.64 39.72
N SER A 64 -23.76 2.82 40.54
CA SER A 64 -24.02 1.91 41.65
C SER A 64 -25.34 1.21 41.48
N LEU A 65 -26.00 1.46 40.36
CA LEU A 65 -27.28 0.84 40.05
C LEU A 65 -27.30 0.17 38.70
N THR A 66 -26.18 0.25 37.98
CA THR A 66 -26.16 -0.34 36.67
C THR A 66 -24.75 -0.47 36.16
N SER A 67 -24.60 -1.35 35.17
CA SER A 67 -23.34 -1.62 34.51
C SER A 67 -23.71 -2.04 33.12
N LYS A 68 -22.70 -2.17 32.27
CA LYS A 68 -22.93 -2.58 30.90
C LYS A 68 -22.86 -4.09 30.93
N ASP A 69 -22.14 -4.61 31.92
CA ASP A 69 -21.94 -6.05 32.11
C ASP A 69 -23.14 -6.66 32.84
N PRO A 70 -24.00 -7.40 32.12
CA PRO A 70 -25.20 -8.04 32.64
C PRO A 70 -25.11 -8.71 34.00
N ASP A 71 -24.01 -9.41 34.27
CA ASP A 71 -23.85 -10.06 35.57
C ASP A 71 -23.70 -9.05 36.71
N ILE A 72 -22.90 -8.01 36.49
CA ILE A 72 -22.72 -6.99 37.50
C ILE A 72 -24.05 -6.22 37.65
N LYS A 73 -24.66 -5.84 36.54
CA LYS A 73 -25.92 -5.10 36.56
C LYS A 73 -26.90 -5.73 37.53
N ALA A 74 -27.17 -7.02 37.37
CA ALA A 74 -28.10 -7.69 38.27
C ALA A 74 -27.58 -7.56 39.70
N GLN A 75 -26.33 -7.95 39.93
CA GLN A 75 -25.74 -7.85 41.27
C GLN A 75 -26.05 -6.52 41.91
N TYR A 76 -25.79 -5.43 41.19
CA TYR A 76 -26.08 -4.11 41.74
C TYR A 76 -27.57 -3.96 42.01
N GLN A 77 -28.40 -4.31 41.03
CA GLN A 77 -29.84 -4.17 41.24
C GLN A 77 -30.30 -5.00 42.44
N GLN A 78 -29.61 -6.10 42.70
CA GLN A 78 -29.99 -6.90 43.85
C GLN A 78 -29.55 -6.15 45.09
N ARG A 79 -28.28 -5.70 45.09
CA ARG A 79 -27.71 -4.95 46.21
C ARG A 79 -28.57 -3.77 46.62
N TRP A 80 -29.22 -3.15 45.64
CA TRP A 80 -30.08 -2.01 45.90
C TRP A 80 -31.36 -2.48 46.52
N LEU A 81 -32.02 -3.42 45.87
CA LEU A 81 -33.29 -3.94 46.37
C LEU A 81 -33.22 -4.41 47.81
N ALA A 82 -32.03 -4.83 48.23
CA ALA A 82 -31.82 -5.30 49.60
C ALA A 82 -31.42 -4.22 50.62
N ILE A 83 -31.42 -2.96 50.21
CA ILE A 83 -31.07 -1.84 51.10
C ILE A 83 -32.34 -1.52 51.86
N ASP A 84 -32.19 -0.79 52.97
CA ASP A 84 -33.33 -0.38 53.78
C ASP A 84 -34.30 0.35 52.85
N ALA A 85 -35.57 0.04 52.97
CA ALA A 85 -36.61 0.65 52.14
C ALA A 85 -36.72 2.16 52.29
N ASN A 86 -36.67 2.67 53.51
CA ASN A 86 -36.75 4.10 53.77
C ASN A 86 -35.55 4.84 53.11
N ALA A 87 -34.35 4.33 53.35
CA ALA A 87 -33.16 4.90 52.77
C ALA A 87 -33.38 4.98 51.25
N ARG A 88 -33.99 3.94 50.68
CA ARG A 88 -34.24 3.92 49.25
C ARG A 88 -35.41 4.81 48.88
N ARG A 89 -36.20 5.21 49.87
CA ARG A 89 -37.36 6.05 49.61
C ARG A 89 -36.85 7.47 49.68
N GLU A 90 -35.84 7.65 50.53
CA GLU A 90 -35.23 8.93 50.75
C GLU A 90 -34.49 9.31 49.47
N VAL A 91 -33.71 8.36 48.97
CA VAL A 91 -32.97 8.55 47.74
C VAL A 91 -33.91 8.72 46.56
N LYS A 92 -34.90 7.85 46.47
CA LYS A 92 -35.86 7.91 45.38
C LYS A 92 -36.49 9.28 45.32
N ASN A 93 -36.58 9.97 46.45
CA ASN A 93 -37.19 11.29 46.42
C ASN A 93 -36.27 12.41 46.00
N TYR A 94 -35.12 12.57 46.65
CA TYR A 94 -34.23 13.63 46.24
C TYR A 94 -34.07 13.58 44.73
N VAL A 95 -33.78 12.39 44.20
CA VAL A 95 -33.63 12.23 42.76
C VAL A 95 -34.84 12.83 42.05
N LEU A 96 -35.99 12.21 42.22
CA LEU A 96 -37.22 12.69 41.61
C LEU A 96 -37.55 14.19 41.82
N HIS A 97 -36.96 14.82 42.83
CA HIS A 97 -37.18 16.25 43.11
C HIS A 97 -36.36 17.04 42.13
N THR A 98 -35.09 16.65 42.00
CA THR A 98 -34.15 17.27 41.09
C THR A 98 -34.73 17.59 39.71
N LEU A 99 -35.68 16.78 39.24
CA LEU A 99 -36.26 17.04 37.92
C LEU A 99 -36.76 18.48 37.78
N GLY A 100 -36.26 19.19 36.78
CA GLY A 100 -36.71 20.57 36.59
C GLY A 100 -35.87 21.63 37.32
N THR A 101 -34.90 21.18 38.11
CA THR A 101 -34.06 22.09 38.88
C THR A 101 -32.61 22.01 38.44
N GLU A 102 -32.40 21.68 37.18
CA GLU A 102 -31.06 21.59 36.65
C GLU A 102 -30.81 22.65 35.58
N THR A 103 -29.68 23.34 35.72
CA THR A 103 -29.21 24.41 34.84
C THR A 103 -28.58 23.82 33.57
N TYR A 104 -27.61 22.92 33.78
CA TYR A 104 -26.88 22.20 32.74
C TYR A 104 -27.88 21.37 31.95
N ARG A 105 -27.64 21.14 30.65
CA ARG A 105 -28.64 20.44 29.86
C ARG A 105 -28.76 18.94 29.99
N PRO A 106 -27.65 18.21 29.83
CA PRO A 106 -27.90 16.75 29.98
C PRO A 106 -28.27 16.45 31.45
N SER A 107 -29.56 16.20 31.72
CA SER A 107 -30.03 15.95 33.08
C SER A 107 -29.29 14.84 33.81
N SER A 108 -28.64 15.17 34.92
CA SER A 108 -27.93 14.15 35.70
C SER A 108 -28.93 13.30 36.51
N ALA A 109 -30.17 13.75 36.57
CA ALA A 109 -31.21 13.03 37.30
C ALA A 109 -31.78 11.86 36.49
N SER A 110 -32.06 12.09 35.21
CA SER A 110 -32.61 11.08 34.33
C SER A 110 -31.96 9.71 34.46
N GLN A 111 -30.63 9.67 34.46
CA GLN A 111 -29.89 8.42 34.59
C GLN A 111 -30.25 7.74 35.89
N CYS A 112 -30.27 8.50 36.98
CA CYS A 112 -30.63 7.97 38.29
C CYS A 112 -32.01 7.34 38.30
N VAL A 113 -33.02 8.08 37.83
CA VAL A 113 -34.38 7.54 37.75
C VAL A 113 -34.40 6.20 37.02
N ALA A 114 -33.84 6.14 35.82
CA ALA A 114 -33.82 4.87 35.08
C ALA A 114 -33.07 3.80 35.88
N GLY A 115 -31.91 4.14 36.41
CA GLY A 115 -31.12 3.17 37.17
C GLY A 115 -31.77 2.51 38.37
N ILE A 116 -32.86 3.10 38.83
CA ILE A 116 -33.59 2.58 39.98
C ILE A 116 -34.86 1.95 39.48
N ALA A 117 -35.54 2.63 38.56
CA ALA A 117 -36.77 2.10 38.00
C ALA A 117 -36.47 0.74 37.38
N CYS A 118 -35.24 0.60 36.88
CA CYS A 118 -34.81 -0.64 36.26
C CYS A 118 -34.74 -1.77 37.25
N ALA A 119 -34.52 -1.45 38.51
CA ALA A 119 -34.43 -2.51 39.52
C ALA A 119 -35.72 -2.62 40.36
N GLU A 120 -36.55 -1.58 40.32
CA GLU A 120 -37.77 -1.61 41.12
C GLU A 120 -39.09 -1.81 40.40
N ILE A 121 -39.23 -1.29 39.18
CA ILE A 121 -40.49 -1.46 38.45
C ILE A 121 -40.81 -2.95 38.28
N PRO A 122 -39.80 -3.78 37.98
CA PRO A 122 -40.08 -5.21 37.83
C PRO A 122 -40.60 -5.92 39.10
N VAL A 123 -40.29 -5.41 40.30
CA VAL A 123 -40.83 -6.02 41.51
C VAL A 123 -41.81 -5.06 42.18
N ASN A 124 -42.52 -4.31 41.35
CA ASN A 124 -43.52 -3.33 41.78
C ASN A 124 -43.14 -2.46 42.98
N GLN A 125 -41.87 -2.17 43.16
CA GLN A 125 -41.49 -1.37 44.32
C GLN A 125 -41.34 0.14 44.14
N TRP A 126 -42.02 0.71 43.15
CA TRP A 126 -41.94 2.15 42.98
C TRP A 126 -43.07 2.58 42.03
N PRO A 127 -44.30 2.17 42.34
CA PRO A 127 -45.51 2.45 41.57
C PRO A 127 -45.92 3.90 41.38
N GLU A 128 -45.26 4.83 42.07
CA GLU A 128 -45.58 6.24 41.96
C GLU A 128 -44.80 6.88 40.79
N LEU A 129 -43.61 6.34 40.54
CA LEU A 129 -42.73 6.83 39.49
C LEU A 129 -43.31 7.14 38.12
N ILE A 130 -44.05 6.22 37.52
CA ILE A 130 -44.59 6.47 36.19
C ILE A 130 -45.70 7.51 36.17
N PRO A 131 -46.74 7.32 36.99
CA PRO A 131 -47.81 8.32 36.98
C PRO A 131 -47.28 9.71 37.34
N GLN A 132 -46.29 9.74 38.21
CA GLN A 132 -45.68 11.00 38.60
C GLN A 132 -45.10 11.71 37.39
N LEU A 133 -44.09 11.10 36.78
CA LEU A 133 -43.42 11.65 35.62
C LEU A 133 -44.43 12.03 34.56
N VAL A 134 -45.42 11.18 34.35
CA VAL A 134 -46.41 11.47 33.34
C VAL A 134 -47.05 12.81 33.66
N ALA A 135 -47.25 13.10 34.95
CA ALA A 135 -47.87 14.35 35.36
C ALA A 135 -46.99 15.56 35.10
N ASN A 136 -45.71 15.46 35.43
CA ASN A 136 -44.79 16.57 35.20
C ASN A 136 -44.85 17.04 33.75
N VAL A 137 -45.15 16.14 32.84
CA VAL A 137 -45.22 16.51 31.44
C VAL A 137 -46.57 17.11 31.09
N THR A 138 -47.64 16.55 31.65
CA THR A 138 -48.99 17.00 31.36
C THR A 138 -49.54 18.16 32.17
N ASN A 139 -48.93 18.49 33.31
CA ASN A 139 -49.43 19.63 34.07
C ASN A 139 -49.03 20.85 33.25
N PRO A 140 -50.00 21.71 32.86
CA PRO A 140 -49.71 22.91 32.07
C PRO A 140 -48.84 23.92 32.79
N ASN A 141 -48.98 23.97 34.11
CA ASN A 141 -48.18 24.88 34.92
C ASN A 141 -46.75 24.40 35.08
N SER A 142 -46.39 23.32 34.39
CA SER A 142 -45.04 22.78 34.49
C SER A 142 -44.05 23.57 33.69
N THR A 143 -42.94 23.88 34.35
CA THR A 143 -41.84 24.62 33.78
C THR A 143 -41.26 23.85 32.58
N GLU A 144 -40.52 24.51 31.69
CA GLU A 144 -39.94 23.80 30.55
C GLU A 144 -38.89 22.81 31.03
N HIS A 145 -37.99 23.27 31.89
CA HIS A 145 -36.95 22.45 32.48
C HIS A 145 -37.53 21.19 33.16
N MET A 146 -38.76 21.30 33.65
CA MET A 146 -39.42 20.16 34.29
C MET A 146 -39.74 19.14 33.18
N LYS A 147 -40.47 19.62 32.18
CA LYS A 147 -40.85 18.78 31.07
C LYS A 147 -39.67 18.13 30.36
N GLU A 148 -38.55 18.83 30.27
CA GLU A 148 -37.38 18.28 29.62
C GLU A 148 -36.74 17.22 30.51
N SER A 149 -36.45 17.58 31.74
CA SER A 149 -35.85 16.64 32.69
C SER A 149 -36.66 15.35 32.71
N THR A 150 -37.97 15.47 32.78
CA THR A 150 -38.84 14.32 32.84
C THR A 150 -38.86 13.53 31.55
N LEU A 151 -39.03 14.20 30.43
CA LEU A 151 -39.05 13.50 29.17
C LEU A 151 -37.77 12.72 28.95
N GLU A 152 -36.67 13.24 29.45
CA GLU A 152 -35.41 12.53 29.31
C GLU A 152 -35.47 11.27 30.17
N ALA A 153 -35.95 11.38 31.41
CA ALA A 153 -36.03 10.22 32.29
C ALA A 153 -36.95 9.13 31.68
N ILE A 154 -38.08 9.53 31.13
CA ILE A 154 -38.99 8.59 30.50
C ILE A 154 -38.21 7.84 29.42
N GLY A 155 -37.47 8.59 28.59
CA GLY A 155 -36.67 7.99 27.54
C GLY A 155 -35.68 6.95 28.04
N TYR A 156 -34.92 7.25 29.09
CA TYR A 156 -33.96 6.29 29.62
C TYR A 156 -34.65 5.05 30.15
N ILE A 157 -35.77 5.22 30.83
CA ILE A 157 -36.48 4.06 31.35
C ILE A 157 -36.96 3.24 30.16
N CYS A 158 -37.59 3.90 29.19
CA CYS A 158 -38.10 3.26 27.99
C CYS A 158 -37.00 2.49 27.29
N GLN A 159 -35.78 2.98 27.47
CA GLN A 159 -34.61 2.39 26.85
C GLN A 159 -33.91 1.28 27.63
N ASP A 160 -33.77 1.43 28.94
CA ASP A 160 -33.07 0.39 29.68
C ASP A 160 -33.93 -0.68 30.33
N ILE A 161 -35.24 -0.48 30.37
CA ILE A 161 -36.09 -1.49 30.99
C ILE A 161 -36.80 -2.32 29.96
N ASP A 162 -37.00 -3.59 30.26
CA ASP A 162 -37.70 -4.49 29.36
C ASP A 162 -39.05 -3.88 28.95
N PRO A 163 -39.34 -3.82 27.63
CA PRO A 163 -40.60 -3.23 27.17
C PRO A 163 -41.84 -3.92 27.70
N GLU A 164 -41.71 -5.17 28.13
CA GLU A 164 -42.88 -5.86 28.63
C GLU A 164 -43.27 -5.26 29.96
N GLN A 165 -42.26 -4.77 30.67
CA GLN A 165 -42.45 -4.15 31.98
C GLN A 165 -43.18 -2.81 31.93
N LEU A 166 -43.52 -2.36 30.74
CA LEU A 166 -44.22 -1.10 30.59
C LEU A 166 -45.40 -1.24 29.64
N GLN A 167 -45.74 -2.47 29.24
CA GLN A 167 -46.84 -2.61 28.29
C GLN A 167 -48.16 -2.24 28.92
N ASP A 168 -48.27 -2.42 30.23
CA ASP A 168 -49.50 -2.11 30.94
C ASP A 168 -49.65 -0.62 31.25
N LYS A 169 -48.58 0.13 31.02
CA LYS A 169 -48.61 1.57 31.27
C LYS A 169 -48.22 2.33 29.99
N SER A 170 -48.53 1.75 28.84
CA SER A 170 -48.17 2.39 27.60
C SER A 170 -48.93 3.68 27.47
N ASN A 171 -50.23 3.55 27.34
CA ASN A 171 -51.07 4.72 27.16
C ASN A 171 -50.64 5.98 27.88
N GLU A 172 -50.37 5.88 29.18
CA GLU A 172 -49.97 7.04 29.96
C GLU A 172 -48.66 7.66 29.43
N ILE A 173 -47.66 6.81 29.23
CA ILE A 173 -46.36 7.23 28.73
C ILE A 173 -46.48 7.83 27.33
N LEU A 174 -47.29 7.21 26.48
CA LEU A 174 -47.44 7.69 25.11
C LEU A 174 -48.04 9.10 25.09
N THR A 175 -49.03 9.32 25.95
CA THR A 175 -49.67 10.62 26.05
C THR A 175 -48.62 11.68 26.42
N ALA A 176 -47.91 11.43 27.51
CA ALA A 176 -46.88 12.32 28.01
C ALA A 176 -45.82 12.58 26.94
N ILE A 177 -45.44 11.52 26.25
CA ILE A 177 -44.44 11.61 25.21
C ILE A 177 -44.97 12.45 24.07
N ILE A 178 -46.13 12.08 23.54
CA ILE A 178 -46.68 12.85 22.43
C ILE A 178 -46.97 14.29 22.84
N GLN A 179 -47.23 14.53 24.11
CA GLN A 179 -47.51 15.89 24.55
C GLN A 179 -46.28 16.75 24.27
N GLY A 180 -45.11 16.22 24.61
CA GLY A 180 -43.88 16.96 24.41
C GLY A 180 -43.47 17.17 22.97
N MET A 181 -44.23 16.60 22.03
CA MET A 181 -43.92 16.75 20.61
C MET A 181 -44.91 17.59 19.83
N ARG A 182 -46.08 17.83 20.41
CA ARG A 182 -47.11 18.62 19.74
C ARG A 182 -46.52 19.89 19.13
N LYS A 183 -47.11 20.36 18.03
CA LYS A 183 -46.62 21.55 17.38
C LYS A 183 -46.60 22.68 18.41
N GLU A 184 -47.68 22.77 19.17
CA GLU A 184 -47.83 23.81 20.20
C GLU A 184 -46.71 23.91 21.23
N GLU A 185 -45.93 22.85 21.41
CA GLU A 185 -44.87 22.91 22.40
C GLU A 185 -43.77 23.86 21.94
N PRO A 186 -43.52 24.91 22.72
CA PRO A 186 -42.52 25.96 22.51
C PRO A 186 -41.08 25.46 22.42
N SER A 187 -40.47 25.19 23.57
CA SER A 187 -39.09 24.73 23.64
C SER A 187 -38.78 23.54 22.78
N ASN A 188 -37.79 23.66 21.93
CA ASN A 188 -37.40 22.56 21.10
C ASN A 188 -36.56 21.60 21.91
N ASN A 189 -35.97 22.08 22.99
CA ASN A 189 -35.17 21.20 23.85
C ASN A 189 -36.08 20.10 24.39
N VAL A 190 -37.33 20.46 24.64
CA VAL A 190 -38.32 19.53 25.13
C VAL A 190 -38.71 18.67 23.95
N LYS A 191 -39.19 19.30 22.89
CA LYS A 191 -39.59 18.57 21.69
C LYS A 191 -38.56 17.49 21.32
N LEU A 192 -37.27 17.79 21.51
CA LEU A 192 -36.22 16.84 21.22
C LEU A 192 -36.33 15.66 22.17
N ALA A 193 -36.17 15.91 23.46
CA ALA A 193 -36.25 14.87 24.48
C ALA A 193 -37.47 13.97 24.32
N ALA A 194 -38.61 14.59 24.04
CA ALA A 194 -39.85 13.85 23.84
C ALA A 194 -39.71 12.92 22.62
N THR A 195 -39.24 13.44 21.49
CA THR A 195 -39.05 12.62 20.31
C THR A 195 -38.03 11.51 20.52
N ASN A 196 -37.06 11.74 21.39
CA ASN A 196 -36.05 10.73 21.65
C ASN A 196 -36.61 9.64 22.51
N ALA A 197 -37.58 9.95 23.33
CA ALA A 197 -38.18 8.90 24.15
C ALA A 197 -39.13 8.08 23.29
N LEU A 198 -39.83 8.75 22.35
CA LEU A 198 -40.77 8.06 21.47
C LEU A 198 -40.07 6.95 20.70
N LEU A 199 -38.79 7.12 20.42
CA LEU A 199 -38.09 6.12 19.65
C LEU A 199 -38.00 4.80 20.40
N ASN A 200 -37.83 4.87 21.70
CA ASN A 200 -37.71 3.65 22.48
C ASN A 200 -39.07 3.12 22.89
N SER A 201 -40.10 3.92 22.69
CA SER A 201 -41.44 3.50 23.08
C SER A 201 -42.22 2.77 21.99
N LEU A 202 -41.67 2.67 20.80
CA LEU A 202 -42.37 2.00 19.71
C LEU A 202 -42.59 0.53 19.95
N GLU A 203 -41.65 -0.09 20.65
CA GLU A 203 -41.73 -1.52 20.93
C GLU A 203 -42.96 -1.95 21.68
N PHE A 204 -43.35 -1.18 22.68
CA PHE A 204 -44.52 -1.55 23.47
C PHE A 204 -45.73 -0.68 23.20
N THR A 205 -45.87 -0.20 21.98
CA THR A 205 -47.01 0.65 21.68
C THR A 205 -47.87 0.08 20.57
N LYS A 206 -47.62 -1.19 20.23
CA LYS A 206 -48.37 -1.84 19.17
C LYS A 206 -49.87 -1.56 19.26
N ALA A 207 -50.41 -1.73 20.46
CA ALA A 207 -51.84 -1.50 20.69
C ALA A 207 -52.31 -0.22 20.00
N ASN A 208 -51.55 0.84 20.20
CA ASN A 208 -51.89 2.14 19.67
C ASN A 208 -51.81 2.29 18.17
N PHE A 209 -50.81 1.69 17.54
CA PHE A 209 -50.69 1.81 16.08
C PHE A 209 -51.75 1.04 15.33
N ASP A 210 -52.32 0.04 15.98
CA ASP A 210 -53.34 -0.78 15.34
C ASP A 210 -54.68 -0.05 15.28
N LYS A 211 -54.88 0.92 16.17
CA LYS A 211 -56.11 1.72 16.19
C LYS A 211 -56.01 2.91 15.21
N GLU A 212 -56.63 2.76 14.05
CA GLU A 212 -56.60 3.78 13.01
C GLU A 212 -56.65 5.23 13.57
N SER A 213 -57.47 5.45 14.57
CA SER A 213 -57.62 6.76 15.19
C SER A 213 -56.35 7.37 15.71
N GLU A 214 -55.73 6.65 16.63
CA GLU A 214 -54.51 7.08 17.30
C GLU A 214 -53.29 7.11 16.41
N ARG A 215 -53.06 6.04 15.67
CA ARG A 215 -51.92 5.98 14.76
C ARG A 215 -51.96 7.22 13.88
N HIS A 216 -53.10 7.46 13.28
CA HIS A 216 -53.28 8.63 12.42
C HIS A 216 -52.75 9.88 13.12
N PHE A 217 -52.92 9.97 14.44
CA PHE A 217 -52.45 11.15 15.16
C PHE A 217 -50.95 11.14 15.35
N ILE A 218 -50.41 9.97 15.66
CA ILE A 218 -48.97 9.85 15.88
C ILE A 218 -48.17 10.25 14.65
N MET A 219 -48.54 9.71 13.49
CA MET A 219 -47.85 10.05 12.27
C MET A 219 -47.86 11.55 12.00
N GLN A 220 -48.91 12.23 12.46
CA GLN A 220 -48.95 13.67 12.26
C GLN A 220 -47.85 14.31 13.10
N VAL A 221 -47.94 14.14 14.40
CA VAL A 221 -46.94 14.71 15.30
C VAL A 221 -45.52 14.35 14.86
N VAL A 222 -45.28 13.13 14.41
CA VAL A 222 -43.96 12.75 13.97
C VAL A 222 -43.58 13.49 12.71
N CYS A 223 -44.46 13.48 11.73
CA CYS A 223 -44.17 14.16 10.49
C CYS A 223 -43.88 15.65 10.69
N GLU A 224 -44.69 16.32 11.48
CA GLU A 224 -44.47 17.74 11.71
C GLU A 224 -43.15 17.98 12.42
N ALA A 225 -42.67 16.99 13.17
CA ALA A 225 -41.42 17.15 13.89
C ALA A 225 -40.22 17.09 12.96
N THR A 226 -40.42 16.54 11.75
CA THR A 226 -39.30 16.45 10.81
C THR A 226 -39.08 17.82 10.17
N GLN A 227 -39.97 18.75 10.48
CA GLN A 227 -39.86 20.10 9.93
C GLN A 227 -39.18 21.04 10.92
N CYS A 228 -39.20 20.69 12.19
CA CYS A 228 -38.57 21.50 13.22
C CYS A 228 -37.16 21.98 12.79
N PRO A 229 -36.96 23.30 12.68
CA PRO A 229 -35.67 23.86 12.29
C PRO A 229 -34.51 23.42 13.18
N ASP A 230 -34.79 22.85 14.34
CA ASP A 230 -33.68 22.39 15.17
C ASP A 230 -33.30 21.01 14.65
N THR A 231 -32.32 21.00 13.75
CA THR A 231 -31.81 19.78 13.14
C THR A 231 -31.89 18.59 14.07
N ARG A 232 -31.35 18.74 15.28
CA ARG A 232 -31.33 17.68 16.28
C ARG A 232 -32.66 16.96 16.42
N VAL A 233 -33.74 17.71 16.26
CA VAL A 233 -35.08 17.17 16.32
C VAL A 233 -35.37 16.47 14.97
N ARG A 234 -35.16 17.20 13.88
CA ARG A 234 -35.38 16.70 12.53
C ARG A 234 -34.75 15.33 12.38
N VAL A 235 -33.60 15.13 12.98
CA VAL A 235 -32.99 13.83 12.88
C VAL A 235 -33.80 12.82 13.66
N ALA A 236 -33.93 13.03 14.97
CA ALA A 236 -34.69 12.08 15.77
C ALA A 236 -36.10 11.86 15.20
N ALA A 237 -36.68 12.89 14.58
CA ALA A 237 -38.01 12.72 14.02
C ALA A 237 -37.99 11.70 12.89
N LEU A 238 -36.96 11.75 12.05
CA LEU A 238 -36.85 10.81 10.96
C LEU A 238 -36.52 9.43 11.54
N GLN A 239 -35.69 9.40 12.58
CA GLN A 239 -35.34 8.13 13.21
C GLN A 239 -36.58 7.29 13.58
N ASN A 240 -37.63 7.97 14.01
CA ASN A 240 -38.86 7.31 14.35
C ASN A 240 -39.51 6.83 13.06
N LEU A 241 -39.51 7.69 12.04
CA LEU A 241 -40.11 7.34 10.77
C LEU A 241 -39.47 6.09 10.22
N VAL A 242 -38.17 5.94 10.45
CA VAL A 242 -37.49 4.76 9.97
C VAL A 242 -37.93 3.55 10.79
N LYS A 243 -37.77 3.59 12.12
CA LYS A 243 -38.13 2.45 12.97
C LYS A 243 -39.58 2.01 12.78
N ILE A 244 -40.47 2.97 12.52
CA ILE A 244 -41.88 2.66 12.27
C ILE A 244 -42.00 1.88 10.98
N MET A 245 -41.40 2.39 9.91
CA MET A 245 -41.44 1.70 8.62
C MET A 245 -41.15 0.23 8.80
N SER A 246 -40.22 -0.06 9.70
CA SER A 246 -39.86 -1.42 9.98
C SER A 246 -40.97 -2.18 10.74
N LEU A 247 -41.36 -1.68 11.90
CA LEU A 247 -42.39 -2.33 12.69
C LEU A 247 -43.84 -2.29 12.14
N TYR A 248 -44.20 -1.27 11.36
CA TYR A 248 -45.56 -1.18 10.86
C TYR A 248 -45.71 -0.94 9.35
N TYR A 249 -44.99 -1.71 8.56
CA TYR A 249 -45.09 -1.55 7.12
C TYR A 249 -46.54 -1.62 6.65
N GLN A 250 -47.29 -2.60 7.11
CA GLN A 250 -48.67 -2.74 6.68
C GLN A 250 -49.56 -1.51 6.82
N TYR A 251 -49.40 -0.75 7.90
CA TYR A 251 -50.22 0.45 8.12
C TYR A 251 -49.79 1.67 7.33
N MET A 252 -48.61 1.61 6.71
CA MET A 252 -48.07 2.75 5.99
C MET A 252 -48.67 3.21 4.68
N GLU A 253 -49.46 2.39 4.02
CA GLU A 253 -49.98 2.84 2.74
C GLU A 253 -50.72 4.16 2.74
N THR A 254 -51.22 4.57 3.91
CA THR A 254 -51.97 5.81 4.06
C THR A 254 -51.09 7.05 4.05
N TYR A 255 -49.92 6.91 4.66
CA TYR A 255 -48.98 8.02 4.81
C TYR A 255 -47.92 8.10 3.75
N MET A 256 -47.53 6.95 3.22
CA MET A 256 -46.49 6.85 2.21
C MET A 256 -46.58 7.88 1.10
N GLY A 257 -47.64 7.81 0.31
CA GLY A 257 -47.78 8.73 -0.80
C GLY A 257 -48.04 10.20 -0.49
N PRO A 258 -48.95 10.51 0.43
CA PRO A 258 -49.26 11.90 0.77
C PRO A 258 -48.26 12.65 1.66
N ALA A 259 -47.17 12.00 2.08
CA ALA A 259 -46.21 12.70 2.94
C ALA A 259 -44.87 12.01 3.10
N LEU A 260 -44.87 10.80 3.62
CA LEU A 260 -43.59 10.13 3.84
C LEU A 260 -42.66 10.15 2.63
N PHE A 261 -43.16 9.88 1.43
CA PHE A 261 -42.28 9.88 0.27
C PHE A 261 -41.55 11.21 0.13
N ALA A 262 -42.28 12.31 0.12
CA ALA A 262 -41.65 13.61 -0.02
C ALA A 262 -40.63 13.91 1.07
N ILE A 263 -40.98 13.63 2.32
CA ILE A 263 -40.10 13.86 3.44
C ILE A 263 -38.78 13.12 3.33
N THR A 264 -38.86 11.81 3.14
CA THR A 264 -37.66 11.00 3.05
C THR A 264 -36.83 11.32 1.83
N ILE A 265 -37.46 11.66 0.72
CA ILE A 265 -36.70 12.00 -0.47
C ILE A 265 -35.93 13.31 -0.23
N GLU A 266 -36.59 14.35 0.28
CA GLU A 266 -35.89 15.61 0.52
C GLU A 266 -34.77 15.31 1.49
N ALA A 267 -35.08 14.47 2.47
CA ALA A 267 -34.13 14.05 3.49
C ALA A 267 -32.81 13.51 2.90
N MET A 268 -32.91 12.63 1.91
CA MET A 268 -31.72 12.06 1.28
C MET A 268 -30.91 13.09 0.52
N LYS A 269 -31.47 14.28 0.35
CA LYS A 269 -30.79 15.32 -0.40
C LYS A 269 -30.18 16.43 0.45
N SER A 270 -30.57 16.54 1.72
CA SER A 270 -30.01 17.62 2.52
C SER A 270 -28.51 17.41 2.59
N ASP A 271 -27.80 18.53 2.60
CA ASP A 271 -26.35 18.52 2.66
C ASP A 271 -25.90 18.05 4.02
N ILE A 272 -26.81 18.06 4.98
CA ILE A 272 -26.51 17.63 6.33
C ILE A 272 -26.49 16.10 6.41
N ASP A 273 -25.29 15.52 6.42
CA ASP A 273 -25.12 14.07 6.49
C ASP A 273 -26.09 13.41 7.47
N GLU A 274 -26.02 13.82 8.72
CA GLU A 274 -26.86 13.29 9.79
C GLU A 274 -28.27 13.06 9.29
N VAL A 275 -28.76 13.99 8.47
CA VAL A 275 -30.11 13.92 7.93
C VAL A 275 -30.15 12.93 6.76
N ALA A 276 -29.34 13.20 5.74
CA ALA A 276 -29.27 12.32 4.56
C ALA A 276 -29.19 10.86 4.96
N LEU A 277 -28.29 10.56 5.87
CA LEU A 277 -28.11 9.20 6.35
C LEU A 277 -29.43 8.55 6.82
N GLN A 278 -30.33 9.36 7.37
CA GLN A 278 -31.59 8.86 7.86
C GLN A 278 -32.55 8.59 6.72
N GLY A 279 -32.54 9.48 5.74
CA GLY A 279 -33.40 9.30 4.59
C GLY A 279 -33.00 7.99 3.93
N ILE A 280 -31.70 7.81 3.72
CA ILE A 280 -31.20 6.59 3.11
C ILE A 280 -31.66 5.40 3.94
N GLU A 281 -31.35 5.42 5.23
CA GLU A 281 -31.74 4.36 6.15
C GLU A 281 -33.21 3.99 5.97
N PHE A 282 -34.06 4.99 5.74
CA PHE A 282 -35.49 4.76 5.56
C PHE A 282 -35.82 3.71 4.52
N TRP A 283 -35.44 4.00 3.27
CA TRP A 283 -35.67 3.11 2.15
C TRP A 283 -34.96 1.77 2.28
N SER A 284 -33.75 1.79 2.82
CA SER A 284 -33.02 0.55 3.03
C SER A 284 -33.89 -0.37 3.88
N ASN A 285 -34.76 0.20 4.70
CA ASN A 285 -35.64 -0.58 5.53
C ASN A 285 -36.86 -1.03 4.73
N VAL A 286 -37.33 -0.18 3.82
CA VAL A 286 -38.49 -0.54 3.00
C VAL A 286 -38.08 -1.77 2.26
N CYS A 287 -36.88 -1.77 1.68
CA CYS A 287 -36.38 -2.92 0.95
C CYS A 287 -36.37 -4.17 1.81
N ASP A 288 -35.65 -4.16 2.92
CA ASP A 288 -35.64 -5.34 3.77
C ASP A 288 -37.07 -5.84 3.90
N GLU A 289 -38.01 -4.94 4.16
CA GLU A 289 -39.42 -5.30 4.32
C GLU A 289 -40.02 -5.95 3.09
N GLU A 290 -39.97 -5.26 1.95
CA GLU A 290 -40.55 -5.77 0.72
C GLU A 290 -39.93 -7.06 0.18
N MET A 291 -38.73 -7.37 0.63
CA MET A 291 -38.06 -8.60 0.22
C MET A 291 -38.59 -9.72 1.09
N ASP A 292 -38.62 -9.50 2.40
CA ASP A 292 -39.14 -10.52 3.31
C ASP A 292 -40.58 -10.79 2.90
N LEU A 293 -41.27 -9.76 2.42
CA LEU A 293 -42.65 -9.90 2.00
C LEU A 293 -42.75 -10.76 0.76
N ALA A 294 -41.89 -10.51 -0.22
CA ALA A 294 -41.92 -11.30 -1.45
C ALA A 294 -41.64 -12.78 -1.15
N ILE A 295 -40.94 -13.03 -0.07
CA ILE A 295 -40.60 -14.38 0.31
C ILE A 295 -41.82 -15.01 0.95
N GLU A 296 -42.50 -14.27 1.81
CA GLU A 296 -43.70 -14.77 2.46
C GLU A 296 -44.71 -15.10 1.37
N ALA A 297 -44.70 -14.31 0.31
CA ALA A 297 -45.61 -14.50 -0.82
C ALA A 297 -45.28 -15.75 -1.60
N SER A 298 -44.00 -15.98 -1.82
CA SER A 298 -43.53 -17.15 -2.56
C SER A 298 -43.81 -18.43 -1.78
N GLU A 299 -44.05 -18.28 -0.47
CA GLU A 299 -44.32 -19.43 0.39
C GLU A 299 -45.78 -19.76 0.46
N ALA A 300 -46.62 -18.77 0.31
CA ALA A 300 -48.06 -19.00 0.35
C ALA A 300 -48.52 -19.50 -1.01
N ALA A 301 -47.70 -19.28 -2.03
CA ALA A 301 -48.01 -19.72 -3.38
C ALA A 301 -47.94 -21.22 -3.37
N GLU A 302 -47.03 -21.74 -2.57
CA GLU A 302 -46.84 -23.16 -2.46
C GLU A 302 -47.65 -23.73 -1.33
N GLN A 303 -48.86 -23.21 -1.17
CA GLN A 303 -49.77 -23.66 -0.13
C GLN A 303 -51.17 -23.39 -0.65
N GLY A 304 -51.25 -22.86 -1.85
CA GLY A 304 -52.53 -22.58 -2.46
C GLY A 304 -53.36 -21.63 -1.65
N ARG A 305 -52.73 -20.62 -1.05
CA ARG A 305 -53.47 -19.64 -0.26
C ARG A 305 -52.83 -18.25 -0.40
N PRO A 306 -53.64 -17.19 -0.34
CA PRO A 306 -53.10 -15.84 -0.44
C PRO A 306 -52.16 -15.64 0.73
N PRO A 307 -51.15 -14.79 0.59
CA PRO A 307 -50.20 -14.55 1.67
C PRO A 307 -50.82 -13.66 2.77
N GLU A 308 -50.38 -13.84 4.01
CA GLU A 308 -50.91 -13.05 5.12
C GLU A 308 -50.86 -11.56 4.88
N HIS A 309 -49.65 -11.04 4.65
CA HIS A 309 -49.47 -9.61 4.38
C HIS A 309 -48.95 -9.41 2.96
N THR A 310 -49.12 -8.22 2.42
CA THR A 310 -48.66 -8.00 1.07
C THR A 310 -47.92 -6.71 0.84
N SER A 311 -46.84 -6.86 0.07
CA SER A 311 -45.97 -5.78 -0.32
C SER A 311 -46.76 -4.79 -1.16
N LYS A 312 -46.30 -3.54 -1.24
CA LYS A 312 -46.97 -2.53 -2.06
C LYS A 312 -45.93 -2.02 -3.05
N PHE A 313 -44.80 -2.71 -3.08
CA PHE A 313 -43.70 -2.38 -3.98
C PHE A 313 -43.36 -0.90 -4.04
N TYR A 314 -43.18 -0.29 -2.88
CA TYR A 314 -42.82 1.12 -2.80
C TYR A 314 -41.43 1.30 -3.40
N ALA A 315 -40.47 0.50 -2.95
CA ALA A 315 -39.11 0.60 -3.47
C ALA A 315 -39.10 0.57 -4.99
N LYS A 316 -39.64 -0.51 -5.54
CA LYS A 316 -39.74 -0.67 -6.99
C LYS A 316 -40.35 0.59 -7.61
N GLY A 317 -41.28 1.20 -6.90
CA GLY A 317 -41.93 2.39 -7.40
C GLY A 317 -41.06 3.64 -7.33
N ALA A 318 -40.41 3.87 -6.20
CA ALA A 318 -39.57 5.06 -6.03
C ALA A 318 -38.24 4.90 -6.76
N LEU A 319 -38.04 3.73 -7.34
CA LEU A 319 -36.81 3.43 -8.06
C LEU A 319 -36.34 4.54 -9.01
N GLN A 320 -37.28 5.19 -9.69
CA GLN A 320 -36.91 6.25 -10.62
C GLN A 320 -36.32 7.45 -9.91
N TYR A 321 -36.73 7.66 -8.66
CA TYR A 321 -36.25 8.80 -7.88
C TYR A 321 -35.06 8.48 -6.99
N LEU A 322 -35.06 7.27 -6.43
CA LEU A 322 -33.98 6.84 -5.56
C LEU A 322 -32.64 6.74 -6.27
N VAL A 323 -32.59 5.92 -7.33
CA VAL A 323 -31.35 5.72 -8.08
C VAL A 323 -30.53 6.99 -8.43
N PRO A 324 -31.13 7.94 -9.16
CA PRO A 324 -30.31 9.12 -9.47
C PRO A 324 -29.78 9.86 -8.23
N ILE A 325 -30.55 9.85 -7.14
CA ILE A 325 -30.12 10.51 -5.90
C ILE A 325 -29.01 9.71 -5.25
N LEU A 326 -29.13 8.39 -5.26
CA LEU A 326 -28.10 7.53 -4.70
C LEU A 326 -26.80 7.62 -5.51
N THR A 327 -26.86 7.38 -6.82
CA THR A 327 -25.65 7.43 -7.65
C THR A 327 -24.90 8.74 -7.47
N GLN A 328 -25.65 9.84 -7.42
CA GLN A 328 -25.04 11.16 -7.22
C GLN A 328 -24.34 11.25 -5.83
N THR A 329 -24.94 10.67 -4.80
CA THR A 329 -24.34 10.67 -3.45
C THR A 329 -23.02 9.85 -3.47
N LEU A 330 -22.86 8.97 -4.45
CA LEU A 330 -21.64 8.19 -4.56
C LEU A 330 -20.53 9.09 -5.08
N THR A 331 -20.85 10.36 -5.25
CA THR A 331 -19.91 11.37 -5.73
C THR A 331 -19.27 12.08 -4.56
N LYS A 332 -20.10 12.38 -3.57
CA LYS A 332 -19.68 13.06 -2.35
C LYS A 332 -18.85 12.11 -1.47
N GLN A 333 -17.77 11.59 -2.05
CA GLN A 333 -16.89 10.67 -1.34
C GLN A 333 -15.81 11.45 -0.63
N ASP A 334 -15.57 11.11 0.62
CA ASP A 334 -14.56 11.75 1.46
C ASP A 334 -13.11 11.33 1.09
N GLU A 335 -12.38 12.19 0.36
CA GLU A 335 -10.98 11.95 -0.09
C GLU A 335 -10.03 11.29 0.91
N ASN A 336 -9.73 11.98 2.02
CA ASN A 336 -8.88 11.38 3.04
C ASN A 336 -9.88 10.36 3.57
N ASP A 337 -9.47 9.10 3.73
CA ASP A 337 -10.43 8.08 4.14
C ASP A 337 -11.27 8.15 5.41
N ASP A 338 -12.49 7.66 5.22
CA ASP A 338 -13.54 7.52 6.20
C ASP A 338 -13.79 6.03 5.95
N ASP A 339 -12.67 5.32 5.74
CA ASP A 339 -12.65 3.89 5.43
C ASP A 339 -13.95 3.17 5.74
N ASP A 340 -14.08 2.70 6.98
CA ASP A 340 -15.28 2.01 7.41
C ASP A 340 -16.30 3.08 7.77
N ASP A 341 -15.77 4.24 8.18
CA ASP A 341 -16.57 5.39 8.59
C ASP A 341 -17.82 5.65 7.75
N TRP A 342 -18.95 5.47 8.42
CA TRP A 342 -20.30 5.63 7.87
C TRP A 342 -20.68 7.05 7.43
N ASN A 343 -20.53 7.34 6.14
CA ASN A 343 -20.94 8.64 5.66
C ASN A 343 -22.02 8.37 4.62
N PRO A 344 -22.70 9.42 4.14
CA PRO A 344 -23.75 9.32 3.15
C PRO A 344 -23.36 8.50 1.94
N CYS A 345 -22.08 8.45 1.63
CA CYS A 345 -21.63 7.69 0.48
C CYS A 345 -21.70 6.21 0.75
N LYS A 346 -20.84 5.72 1.64
CA LYS A 346 -20.83 4.31 1.97
C LYS A 346 -22.25 3.75 2.10
N ALA A 347 -23.15 4.55 2.68
CA ALA A 347 -24.53 4.12 2.90
C ALA A 347 -25.31 4.05 1.61
N ALA A 348 -25.12 5.04 0.75
CA ALA A 348 -25.82 5.06 -0.53
C ALA A 348 -25.35 3.89 -1.39
N GLY A 349 -24.20 3.32 -1.03
CA GLY A 349 -23.71 2.18 -1.77
C GLY A 349 -24.53 1.00 -1.29
N VAL A 350 -24.39 0.65 -0.01
CA VAL A 350 -25.13 -0.44 0.59
C VAL A 350 -26.59 -0.41 0.16
N CYS A 351 -27.16 0.79 0.08
CA CYS A 351 -28.55 0.91 -0.31
C CYS A 351 -28.73 0.43 -1.74
N LEU A 352 -28.00 1.02 -2.67
CA LEU A 352 -28.10 0.61 -4.08
C LEU A 352 -28.03 -0.91 -4.18
N MET A 353 -27.10 -1.51 -3.45
CA MET A 353 -26.95 -2.97 -3.46
C MET A 353 -28.24 -3.64 -3.01
N LEU A 354 -28.85 -3.11 -1.95
CA LEU A 354 -30.09 -3.66 -1.42
C LEU A 354 -31.19 -3.51 -2.43
N LEU A 355 -31.21 -2.39 -3.17
CA LEU A 355 -32.22 -2.17 -4.18
C LEU A 355 -32.08 -3.24 -5.25
N ALA A 356 -30.85 -3.45 -5.69
CA ALA A 356 -30.58 -4.43 -6.71
C ALA A 356 -31.03 -5.82 -6.31
N THR A 357 -30.94 -6.17 -5.04
CA THR A 357 -31.36 -7.50 -4.63
C THR A 357 -32.84 -7.50 -4.32
N CYS A 358 -33.46 -6.32 -4.34
CA CYS A 358 -34.87 -6.21 -4.04
C CYS A 358 -35.74 -6.06 -5.30
N CYS A 359 -35.11 -5.63 -6.38
CA CYS A 359 -35.81 -5.43 -7.65
C CYS A 359 -34.99 -6.04 -8.80
N GLU A 360 -34.54 -7.27 -8.60
CA GLU A 360 -33.74 -7.98 -9.58
C GLU A 360 -34.43 -7.92 -10.92
N ASP A 361 -34.18 -6.85 -11.66
CA ASP A 361 -34.83 -6.68 -12.96
C ASP A 361 -34.83 -5.19 -13.25
N ASP A 362 -35.81 -4.53 -12.65
CA ASP A 362 -36.04 -3.10 -12.80
C ASP A 362 -34.86 -2.21 -12.42
N ILE A 363 -33.93 -2.75 -11.65
CA ILE A 363 -32.78 -1.98 -11.20
C ILE A 363 -31.81 -1.60 -12.33
N VAL A 364 -31.25 -2.60 -12.98
CA VAL A 364 -30.27 -2.42 -14.03
C VAL A 364 -30.56 -1.25 -14.99
N PRO A 365 -31.76 -1.18 -15.57
CA PRO A 365 -32.11 -0.10 -16.50
C PRO A 365 -32.07 1.34 -15.98
N HIS A 366 -32.25 1.55 -14.67
CA HIS A 366 -32.21 2.90 -14.10
C HIS A 366 -30.78 3.32 -13.75
N VAL A 367 -29.96 2.34 -13.38
CA VAL A 367 -28.58 2.59 -13.01
C VAL A 367 -27.67 2.74 -14.23
N LEU A 368 -27.77 1.80 -15.16
CA LEU A 368 -26.94 1.78 -16.37
C LEU A 368 -26.68 3.13 -17.02
N PRO A 369 -27.74 3.86 -17.37
CA PRO A 369 -27.51 5.17 -17.99
C PRO A 369 -26.45 6.01 -17.25
N PHE A 370 -26.49 6.00 -15.93
CA PHE A 370 -25.53 6.75 -15.14
C PHE A 370 -24.15 6.16 -15.36
N ILE A 371 -24.05 4.83 -15.25
CA ILE A 371 -22.77 4.18 -15.42
C ILE A 371 -22.11 4.53 -16.73
N LYS A 372 -22.85 4.34 -17.82
CA LYS A 372 -22.31 4.62 -19.14
C LYS A 372 -21.85 6.08 -19.28
N GLU A 373 -22.68 7.00 -18.81
CA GLU A 373 -22.36 8.41 -18.94
C GLU A 373 -21.15 8.91 -18.16
N HIS A 374 -20.88 8.31 -17.01
CA HIS A 374 -19.76 8.76 -16.18
C HIS A 374 -18.61 7.79 -16.00
N ILE A 375 -18.61 6.68 -16.73
CA ILE A 375 -17.52 5.72 -16.58
C ILE A 375 -16.22 6.29 -17.12
N LYS A 376 -16.33 7.15 -18.11
CA LYS A 376 -15.17 7.78 -18.71
C LYS A 376 -15.22 9.28 -18.43
N ASN A 377 -15.51 9.64 -17.19
CA ASN A 377 -15.58 11.04 -16.78
C ASN A 377 -14.22 11.48 -16.25
N PRO A 378 -13.84 12.73 -16.53
CA PRO A 378 -12.56 13.29 -16.08
C PRO A 378 -12.45 13.36 -14.57
N ASP A 379 -13.56 13.71 -13.91
CA ASP A 379 -13.62 13.82 -12.46
C ASP A 379 -13.56 12.46 -11.78
N TRP A 380 -12.48 12.22 -11.04
CA TRP A 380 -12.29 10.95 -10.37
C TRP A 380 -13.50 10.56 -9.51
N ARG A 381 -14.20 11.57 -8.99
CA ARG A 381 -15.37 11.32 -8.16
C ARG A 381 -16.51 10.68 -8.97
N TYR A 382 -16.95 11.35 -10.03
CA TYR A 382 -18.02 10.80 -10.86
C TYR A 382 -17.59 9.52 -11.51
N ARG A 383 -16.30 9.37 -11.77
CA ARG A 383 -15.82 8.16 -12.39
C ARG A 383 -16.03 7.05 -11.38
N ASP A 384 -15.39 7.20 -10.23
CA ASP A 384 -15.51 6.21 -9.16
C ASP A 384 -16.97 5.84 -8.93
N ALA A 385 -17.85 6.82 -9.08
CA ALA A 385 -19.28 6.62 -8.90
C ALA A 385 -19.77 5.57 -9.89
N ALA A 386 -19.53 5.82 -11.17
CA ALA A 386 -19.93 4.91 -12.24
C ALA A 386 -19.41 3.51 -11.97
N VAL A 387 -18.15 3.41 -11.59
CA VAL A 387 -17.53 2.12 -11.29
C VAL A 387 -18.22 1.41 -10.14
N MET A 388 -18.56 2.16 -9.09
CA MET A 388 -19.24 1.61 -7.92
C MET A 388 -20.67 1.24 -8.30
N ALA A 389 -21.35 2.15 -8.97
CA ALA A 389 -22.73 1.92 -9.40
C ALA A 389 -22.82 0.57 -10.11
N PHE A 390 -21.94 0.36 -11.08
CA PHE A 390 -21.91 -0.88 -11.82
C PHE A 390 -21.77 -2.08 -10.87
N GLY A 391 -20.66 -2.12 -10.12
CA GLY A 391 -20.44 -3.23 -9.21
C GLY A 391 -21.55 -3.47 -8.20
N CYS A 392 -22.43 -2.50 -8.04
CA CYS A 392 -23.53 -2.63 -7.09
C CYS A 392 -24.67 -3.51 -7.56
N ILE A 393 -25.06 -3.28 -8.81
CA ILE A 393 -26.15 -4.03 -9.41
C ILE A 393 -25.76 -5.43 -9.88
N LEU A 394 -24.51 -5.81 -9.68
CA LEU A 394 -24.06 -7.12 -10.13
C LEU A 394 -24.67 -8.29 -9.39
N GLU A 395 -25.39 -8.01 -8.31
CA GLU A 395 -26.02 -9.09 -7.57
C GLU A 395 -27.52 -8.89 -7.50
N GLY A 396 -28.26 -9.90 -7.93
CA GLY A 396 -29.71 -9.81 -7.93
C GLY A 396 -30.23 -10.03 -9.33
N PRO A 397 -30.06 -9.08 -10.27
CA PRO A 397 -30.56 -9.24 -11.65
C PRO A 397 -30.15 -10.60 -12.18
N GLU A 398 -30.94 -11.12 -13.09
CA GLU A 398 -30.66 -12.43 -13.68
C GLU A 398 -29.25 -12.42 -14.26
N PRO A 399 -28.49 -13.49 -14.02
CA PRO A 399 -27.12 -13.56 -14.54
C PRO A 399 -27.11 -13.31 -16.04
N SER A 400 -28.05 -13.95 -16.73
CA SER A 400 -28.20 -13.83 -18.18
C SER A 400 -28.32 -12.38 -18.66
N GLN A 401 -28.95 -11.54 -17.85
CA GLN A 401 -29.12 -10.13 -18.17
C GLN A 401 -27.85 -9.32 -17.94
N LEU A 402 -27.01 -9.80 -17.03
CA LEU A 402 -25.77 -9.12 -16.70
C LEU A 402 -24.58 -9.49 -17.57
N LYS A 403 -24.35 -10.79 -17.79
CA LYS A 403 -23.21 -11.23 -18.59
C LYS A 403 -22.87 -10.39 -19.83
N PRO A 404 -23.87 -10.05 -20.67
CA PRO A 404 -23.54 -9.25 -21.86
C PRO A 404 -22.93 -7.89 -21.52
N LEU A 405 -23.51 -7.22 -20.53
CA LEU A 405 -23.05 -5.91 -20.07
C LEU A 405 -21.64 -5.97 -19.45
N VAL A 406 -21.36 -7.05 -18.73
CA VAL A 406 -20.05 -7.25 -18.12
C VAL A 406 -19.01 -7.28 -19.22
N ILE A 407 -19.14 -8.29 -20.09
CA ILE A 407 -18.22 -8.47 -21.20
C ILE A 407 -18.02 -7.22 -22.06
N GLN A 408 -19.11 -6.53 -22.41
CA GLN A 408 -18.99 -5.33 -23.24
C GLN A 408 -18.40 -4.14 -22.45
N ALA A 409 -18.09 -4.35 -21.19
CA ALA A 409 -17.54 -3.26 -20.37
C ALA A 409 -16.20 -3.63 -19.76
N MET A 410 -15.89 -4.91 -19.74
CA MET A 410 -14.63 -5.42 -19.19
C MET A 410 -13.38 -4.64 -19.60
N PRO A 411 -13.32 -4.14 -20.86
CA PRO A 411 -12.14 -3.40 -21.30
C PRO A 411 -11.80 -2.27 -20.34
N THR A 412 -12.51 -1.15 -20.52
CA THR A 412 -12.33 0.06 -19.73
C THR A 412 -12.35 -0.18 -18.21
N LEU A 413 -12.95 -1.29 -17.80
CA LEU A 413 -13.02 -1.61 -16.38
C LEU A 413 -11.64 -2.01 -15.85
N ILE A 414 -11.09 -3.06 -16.44
CA ILE A 414 -9.80 -3.56 -16.04
C ILE A 414 -8.75 -2.45 -16.11
N GLU A 415 -8.91 -1.54 -17.07
CA GLU A 415 -7.98 -0.44 -17.24
C GLU A 415 -8.09 0.51 -16.05
N LEU A 416 -9.30 0.68 -15.57
CA LEU A 416 -9.55 1.54 -14.43
C LEU A 416 -8.83 0.98 -13.22
N MET A 417 -8.49 -0.29 -13.29
CA MET A 417 -7.80 -0.96 -12.20
C MET A 417 -6.48 -0.30 -11.85
N LYS A 418 -5.89 0.38 -12.83
CA LYS A 418 -4.61 1.06 -12.64
C LYS A 418 -4.78 2.54 -12.97
N ASP A 419 -5.98 3.05 -12.71
CA ASP A 419 -6.33 4.44 -12.95
C ASP A 419 -5.43 5.31 -12.08
N PRO A 420 -5.15 6.56 -12.51
CA PRO A 420 -4.29 7.48 -11.75
C PRO A 420 -4.76 7.69 -10.31
N SER A 421 -6.08 7.80 -10.15
CA SER A 421 -6.67 7.99 -8.83
C SER A 421 -6.49 6.74 -7.99
N VAL A 422 -6.17 6.93 -6.72
CA VAL A 422 -5.97 5.81 -5.83
C VAL A 422 -7.33 5.29 -5.35
N VAL A 423 -8.36 6.13 -5.47
CA VAL A 423 -9.70 5.73 -5.05
C VAL A 423 -10.33 4.90 -6.17
N VAL A 424 -10.26 5.38 -7.40
CA VAL A 424 -10.84 4.62 -8.48
C VAL A 424 -10.12 3.29 -8.59
N ARG A 425 -8.87 3.23 -8.19
CA ARG A 425 -8.13 1.99 -8.28
C ARG A 425 -8.67 0.92 -7.35
N ASP A 426 -9.05 1.30 -6.14
CA ASP A 426 -9.58 0.31 -5.21
C ASP A 426 -10.99 -0.11 -5.63
N THR A 427 -11.81 0.86 -5.99
CA THR A 427 -13.17 0.58 -6.42
C THR A 427 -13.15 -0.38 -7.61
N ALA A 428 -12.38 -0.02 -8.63
CA ALA A 428 -12.26 -0.86 -9.82
C ALA A 428 -11.77 -2.26 -9.46
N ALA A 429 -11.11 -2.39 -8.32
CA ALA A 429 -10.63 -3.70 -7.90
C ALA A 429 -11.81 -4.50 -7.37
N TRP A 430 -12.62 -3.82 -6.58
CA TRP A 430 -13.79 -4.41 -5.96
C TRP A 430 -14.82 -4.86 -6.99
N THR A 431 -15.16 -3.96 -7.93
CA THR A 431 -16.14 -4.26 -8.97
C THR A 431 -15.71 -5.47 -9.77
N VAL A 432 -14.42 -5.53 -10.10
CA VAL A 432 -13.88 -6.65 -10.86
C VAL A 432 -13.87 -7.88 -9.95
N GLY A 433 -13.50 -7.69 -8.69
CA GLY A 433 -13.48 -8.80 -7.76
C GLY A 433 -14.87 -9.38 -7.56
N ARG A 434 -15.89 -8.61 -7.94
CA ARG A 434 -17.28 -9.07 -7.83
C ARG A 434 -17.69 -9.74 -9.13
N ILE A 435 -17.35 -9.14 -10.27
CA ILE A 435 -17.73 -9.77 -11.54
C ILE A 435 -17.23 -11.21 -11.62
N CYS A 436 -16.29 -11.56 -10.76
CA CYS A 436 -15.75 -12.92 -10.73
C CYS A 436 -16.60 -13.74 -9.79
N GLU A 437 -16.30 -13.57 -8.50
CA GLU A 437 -16.96 -14.25 -7.40
C GLU A 437 -18.47 -14.42 -7.58
N LEU A 438 -19.09 -13.49 -8.31
CA LEU A 438 -20.53 -13.58 -8.54
C LEU A 438 -20.88 -14.41 -9.77
N LEU A 439 -20.04 -14.39 -10.80
CA LEU A 439 -20.33 -15.16 -12.02
C LEU A 439 -19.12 -15.51 -12.91
N PRO A 440 -18.52 -16.69 -12.71
CA PRO A 440 -17.35 -17.09 -13.50
C PRO A 440 -17.69 -17.41 -14.96
N MET B 1 58.98 19.60 9.31
CA MET B 1 57.99 18.49 9.08
C MET B 1 58.30 17.74 7.80
N GLU B 2 58.69 16.47 7.91
CA GLU B 2 58.96 15.73 6.69
C GLU B 2 57.60 15.56 6.00
N LEU B 3 57.63 15.28 4.70
CA LEU B 3 56.42 15.12 3.91
C LEU B 3 55.69 13.84 4.35
N ILE B 4 56.47 12.85 4.77
CA ILE B 4 55.89 11.58 5.20
C ILE B 4 54.96 11.83 6.37
N THR B 5 55.35 12.72 7.26
CA THR B 5 54.50 13.03 8.40
C THR B 5 53.16 13.56 7.97
N ILE B 6 53.19 14.68 7.24
CA ILE B 6 51.95 15.28 6.76
C ILE B 6 51.19 14.23 5.97
N LEU B 7 51.82 13.63 4.97
CA LEU B 7 51.13 12.60 4.19
C LEU B 7 50.34 11.68 5.11
N GLU B 8 50.91 11.34 6.27
CA GLU B 8 50.26 10.44 7.21
C GLU B 8 49.11 11.05 8.01
N LYS B 9 49.16 12.33 8.33
CA LYS B 9 48.07 12.94 9.09
C LYS B 9 46.79 13.07 8.25
N THR B 10 46.80 12.53 7.03
CA THR B 10 45.61 12.63 6.21
C THR B 10 44.63 11.50 6.52
N VAL B 11 45.07 10.55 7.34
CA VAL B 11 44.21 9.43 7.72
C VAL B 11 43.92 9.54 9.23
N SER B 12 44.65 10.42 9.91
CA SER B 12 44.45 10.64 11.34
C SER B 12 42.96 10.79 11.61
N PRO B 13 42.49 10.30 12.76
CA PRO B 13 41.08 10.41 13.09
C PRO B 13 40.73 11.81 13.59
N ASP B 14 41.71 12.48 14.18
CA ASP B 14 41.50 13.83 14.69
C ASP B 14 41.11 14.71 13.52
N ARG B 15 40.02 15.47 13.69
CA ARG B 15 39.51 16.35 12.65
C ARG B 15 40.49 17.49 12.35
N LEU B 16 41.11 18.05 13.39
CA LEU B 16 42.10 19.12 13.18
C LEU B 16 43.26 18.56 12.36
N GLU B 17 43.83 17.46 12.83
CA GLU B 17 44.92 16.82 12.12
C GLU B 17 44.58 16.80 10.63
N LEU B 18 43.49 16.14 10.27
CA LEU B 18 43.04 16.05 8.88
C LEU B 18 43.10 17.40 8.17
N GLU B 19 42.60 18.44 8.84
CA GLU B 19 42.58 19.78 8.29
C GLU B 19 43.98 20.21 7.84
N ALA B 20 44.86 20.45 8.81
CA ALA B 20 46.25 20.87 8.53
C ALA B 20 46.87 20.18 7.32
N ALA B 21 47.12 18.87 7.44
CA ALA B 21 47.73 18.10 6.36
C ALA B 21 47.12 18.43 5.02
N GLN B 22 45.79 18.46 4.99
CA GLN B 22 45.04 18.75 3.78
C GLN B 22 45.37 20.12 3.20
N LYS B 23 45.23 21.20 3.98
CA LYS B 23 45.55 22.53 3.46
C LYS B 23 47.03 22.66 3.12
N PHE B 24 47.90 22.11 3.96
CA PHE B 24 49.33 22.16 3.70
C PHE B 24 49.64 21.47 2.37
N LEU B 25 49.11 20.25 2.16
CA LEU B 25 49.36 19.52 0.92
C LEU B 25 48.73 20.17 -0.32
N GLU B 26 47.63 20.87 -0.12
CA GLU B 26 46.89 21.54 -1.19
C GLU B 26 47.63 22.79 -1.65
N ARG B 27 48.13 23.56 -0.68
CA ARG B 27 48.87 24.79 -0.96
C ARG B 27 50.18 24.45 -1.69
N ALA B 28 50.78 23.32 -1.33
CA ALA B 28 52.01 22.89 -1.96
C ALA B 28 51.77 22.65 -3.45
N ALA B 29 50.67 22.00 -3.79
CA ALA B 29 50.35 21.69 -5.18
C ALA B 29 50.09 22.93 -6.00
N VAL B 30 49.90 24.05 -5.31
CA VAL B 30 49.63 25.31 -5.97
C VAL B 30 50.64 26.36 -5.56
N GLU B 31 51.90 25.96 -5.40
CA GLU B 31 52.89 26.93 -4.96
C GLU B 31 54.29 26.34 -5.00
N ASN B 32 54.36 25.05 -5.32
CA ASN B 32 55.62 24.32 -5.39
C ASN B 32 55.34 23.01 -6.08
N LEU B 33 54.32 23.01 -6.92
CA LEU B 33 53.87 21.83 -7.66
C LEU B 33 54.95 20.91 -8.25
N PRO B 34 56.08 21.44 -8.70
CA PRO B 34 57.00 20.43 -9.23
C PRO B 34 57.97 19.90 -8.17
N THR B 35 58.31 20.71 -7.17
CA THR B 35 59.19 20.27 -6.09
C THR B 35 58.39 19.13 -5.39
N PHE B 36 57.13 19.45 -5.12
CA PHE B 36 56.17 18.57 -4.48
C PHE B 36 55.89 17.29 -5.28
N LEU B 37 55.45 17.47 -6.52
CA LEU B 37 55.13 16.34 -7.39
C LEU B 37 56.27 15.35 -7.53
N VAL B 38 57.46 15.71 -7.05
CA VAL B 38 58.56 14.77 -7.13
C VAL B 38 58.74 14.10 -5.77
N GLU B 39 58.95 14.88 -4.71
CA GLU B 39 59.12 14.31 -3.38
C GLU B 39 58.10 13.20 -3.16
N LEU B 40 56.89 13.39 -3.66
CA LEU B 40 55.85 12.40 -3.53
C LEU B 40 56.24 11.19 -4.36
N SER B 41 56.53 11.41 -5.64
CA SER B 41 56.93 10.31 -6.51
C SER B 41 58.03 9.46 -5.88
N ARG B 42 58.77 10.06 -4.94
CA ARG B 42 59.86 9.36 -4.24
C ARG B 42 59.32 8.52 -3.08
N VAL B 43 58.44 9.09 -2.27
CA VAL B 43 57.87 8.35 -1.15
C VAL B 43 57.11 7.14 -1.70
N LEU B 44 56.40 7.31 -2.81
CA LEU B 44 55.68 6.18 -3.42
C LEU B 44 56.75 5.21 -3.94
N ALA B 45 58.01 5.64 -3.87
CA ALA B 45 59.11 4.83 -4.36
C ALA B 45 59.89 4.04 -3.32
N ASN B 46 60.13 4.64 -2.16
CA ASN B 46 60.88 3.99 -1.10
C ASN B 46 60.08 2.96 -0.32
N PRO B 47 60.46 1.66 -0.41
CA PRO B 47 59.71 0.63 0.33
C PRO B 47 59.90 0.74 1.85
N GLY B 48 60.92 1.47 2.26
CA GLY B 48 61.18 1.65 3.68
C GLY B 48 60.10 2.52 4.28
N ASN B 49 59.04 2.74 3.51
CA ASN B 49 57.94 3.56 3.99
C ASN B 49 56.68 2.74 4.23
N SER B 50 55.85 3.27 5.11
CA SER B 50 54.62 2.61 5.53
C SER B 50 53.57 2.52 4.45
N GLN B 51 52.78 1.45 4.48
CA GLN B 51 51.71 1.27 3.51
C GLN B 51 50.90 2.56 3.52
N VAL B 52 50.65 3.06 4.72
CA VAL B 52 49.90 4.30 4.89
C VAL B 52 50.48 5.43 4.03
N ALA B 53 51.71 5.85 4.34
CA ALA B 53 52.37 6.93 3.61
C ALA B 53 52.55 6.67 2.11
N ARG B 54 53.08 5.50 1.75
CA ARG B 54 53.29 5.18 0.34
C ARG B 54 51.99 5.37 -0.43
N VAL B 55 50.90 4.93 0.16
CA VAL B 55 49.58 5.04 -0.45
C VAL B 55 49.06 6.47 -0.51
N ALA B 56 49.23 7.21 0.59
CA ALA B 56 48.80 8.60 0.66
C ALA B 56 49.50 9.40 -0.42
N ALA B 57 50.79 9.12 -0.56
CA ALA B 57 51.58 9.80 -1.56
C ALA B 57 51.00 9.51 -2.94
N GLY B 58 50.82 8.24 -3.27
CA GLY B 58 50.27 7.87 -4.56
C GLY B 58 49.00 8.64 -4.90
N LEU B 59 48.08 8.71 -3.95
CA LEU B 59 46.82 9.41 -4.12
C LEU B 59 47.08 10.87 -4.51
N GLN B 60 47.92 11.56 -3.75
CA GLN B 60 48.26 12.96 -4.04
C GLN B 60 48.73 13.19 -5.48
N ILE B 61 49.34 12.18 -6.08
CA ILE B 61 49.81 12.29 -7.46
C ILE B 61 48.60 12.14 -8.38
N LYS B 62 47.80 11.11 -8.15
CA LYS B 62 46.60 10.88 -8.94
C LYS B 62 45.70 12.12 -8.91
N ASN B 63 45.43 12.64 -7.71
CA ASN B 63 44.59 13.81 -7.55
C ASN B 63 45.15 15.11 -8.17
N SER B 64 46.33 15.05 -8.77
CA SER B 64 46.89 16.22 -9.40
C SER B 64 47.07 15.99 -10.88
N LEU B 65 46.61 14.83 -11.35
CA LEU B 65 46.69 14.46 -12.76
C LEU B 65 45.35 14.05 -13.35
N THR B 66 44.32 14.04 -12.51
CA THR B 66 43.04 13.64 -13.01
C THR B 66 41.95 14.05 -12.03
N SER B 67 40.73 14.09 -12.56
CA SER B 67 39.52 14.42 -11.81
C SER B 67 38.41 13.67 -12.52
N LYS B 68 37.24 13.69 -11.91
CA LYS B 68 36.11 13.02 -12.49
C LYS B 68 35.45 14.06 -13.37
N ASP B 69 35.69 15.33 -13.04
CA ASP B 69 35.15 16.48 -13.75
C ASP B 69 35.97 16.79 -15.00
N PRO B 70 35.48 16.43 -16.19
CA PRO B 70 36.16 16.65 -17.48
C PRO B 70 36.91 17.96 -17.66
N ASP B 71 36.32 19.07 -17.22
CA ASP B 71 36.97 20.38 -17.36
C ASP B 71 38.21 20.49 -16.48
N ILE B 72 38.11 20.00 -15.24
CA ILE B 72 39.27 20.03 -14.37
C ILE B 72 40.32 19.04 -14.89
N LYS B 73 39.88 17.83 -15.27
CA LYS B 73 40.78 16.82 -15.80
C LYS B 73 41.73 17.39 -16.85
N ALA B 74 41.16 18.01 -17.88
CA ALA B 74 42.00 18.59 -18.91
C ALA B 74 42.94 19.63 -18.28
N GLN B 75 42.38 20.56 -17.50
CA GLN B 75 43.19 21.59 -16.84
C GLN B 75 44.44 20.99 -16.17
N TYR B 76 44.24 19.95 -15.39
CA TYR B 76 45.35 19.29 -14.71
C TYR B 76 46.30 18.69 -15.75
N GLN B 77 45.77 17.95 -16.72
CA GLN B 77 46.61 17.35 -17.74
C GLN B 77 47.43 18.42 -18.45
N GLN B 78 46.86 19.59 -18.61
CA GLN B 78 47.58 20.68 -19.26
C GLN B 78 48.66 21.17 -18.30
N ARG B 79 48.28 21.42 -17.05
CA ARG B 79 49.22 21.88 -16.01
C ARG B 79 50.45 20.99 -15.91
N TRP B 80 50.24 19.68 -16.11
CA TRP B 80 51.31 18.71 -16.06
C TRP B 80 52.19 18.85 -17.29
N LEU B 81 51.59 18.70 -18.45
CA LEU B 81 52.32 18.82 -19.72
C LEU B 81 53.22 20.06 -19.78
N ALA B 82 52.83 21.11 -19.07
CA ALA B 82 53.59 22.35 -19.06
C ALA B 82 54.65 22.46 -17.96
N ILE B 83 54.88 21.37 -17.23
CA ILE B 83 55.89 21.36 -16.16
C ILE B 83 57.19 21.04 -16.86
N ASP B 84 58.30 21.33 -16.17
CA ASP B 84 59.63 21.05 -16.72
C ASP B 84 59.63 19.58 -17.13
N ALA B 85 60.24 19.28 -18.28
CA ALA B 85 60.30 17.92 -18.81
C ALA B 85 61.10 16.95 -17.93
N ASN B 86 62.26 17.40 -17.44
CA ASN B 86 63.11 16.61 -16.57
C ASN B 86 62.38 16.25 -15.27
N ALA B 87 61.82 17.27 -14.62
CA ALA B 87 61.06 17.04 -13.41
C ALA B 87 59.97 15.98 -13.70
N ARG B 88 59.39 16.03 -14.91
CA ARG B 88 58.37 15.06 -15.29
C ARG B 88 58.97 13.73 -15.69
N ARG B 89 60.26 13.72 -15.94
CA ARG B 89 60.95 12.50 -16.34
C ARG B 89 61.39 11.83 -15.03
N GLU B 90 61.72 12.68 -14.06
CA GLU B 90 62.15 12.24 -12.73
C GLU B 90 60.96 11.54 -12.09
N VAL B 91 59.81 12.20 -12.09
CA VAL B 91 58.59 11.65 -11.54
C VAL B 91 58.16 10.40 -12.31
N LYS B 92 58.15 10.50 -13.63
CA LYS B 92 57.74 9.36 -14.44
C LYS B 92 58.56 8.13 -14.11
N ASN B 93 59.78 8.34 -13.62
CA ASN B 93 60.62 7.20 -13.28
C ASN B 93 60.33 6.60 -11.91
N TYR B 94 60.46 7.39 -10.83
CA TYR B 94 60.17 6.85 -9.51
C TYR B 94 58.89 6.01 -9.57
N VAL B 95 57.85 6.60 -10.16
CA VAL B 95 56.58 5.89 -10.30
C VAL B 95 56.85 4.53 -10.94
N LEU B 96 57.26 4.54 -12.20
CA LEU B 96 57.52 3.30 -12.93
C LEU B 96 58.46 2.30 -12.24
N HIS B 97 59.25 2.76 -11.28
CA HIS B 97 60.18 1.90 -10.54
C HIS B 97 59.36 1.13 -9.52
N THR B 98 58.52 1.87 -8.80
CA THR B 98 57.64 1.32 -7.77
C THR B 98 56.97 0.01 -8.17
N LEU B 99 56.67 -0.16 -9.44
CA LEU B 99 56.04 -1.39 -9.87
C LEU B 99 56.79 -2.65 -9.40
N GLY B 100 56.10 -3.53 -8.69
CA GLY B 100 56.73 -4.74 -8.19
C GLY B 100 57.34 -4.61 -6.80
N THR B 101 57.35 -3.39 -6.27
CA THR B 101 57.95 -3.13 -4.96
C THR B 101 56.92 -2.73 -3.92
N GLU B 102 55.69 -3.20 -4.10
CA GLU B 102 54.62 -2.88 -3.17
C GLU B 102 54.12 -4.12 -2.41
N THR B 103 54.03 -3.96 -1.09
CA THR B 103 53.58 -5.00 -0.15
C THR B 103 52.07 -5.14 -0.17
N TYR B 104 51.40 -3.99 0.02
CA TYR B 104 49.94 -3.84 0.03
C TYR B 104 49.43 -4.20 -1.34
N ARG B 105 48.23 -4.80 -1.43
CA ARG B 105 47.75 -5.24 -2.73
C ARG B 105 47.25 -4.21 -3.73
N PRO B 106 46.32 -3.34 -3.34
CA PRO B 106 45.93 -2.39 -4.40
C PRO B 106 47.12 -1.46 -4.73
N SER B 107 47.77 -1.71 -5.89
CA SER B 107 48.94 -0.91 -6.28
C SER B 107 48.72 0.61 -6.33
N SER B 108 49.39 1.34 -5.44
CA SER B 108 49.27 2.80 -5.45
C SER B 108 49.99 3.41 -6.67
N ALA B 109 50.78 2.59 -7.35
CA ALA B 109 51.52 3.07 -8.51
C ALA B 109 50.65 3.08 -9.77
N SER B 110 49.90 2.01 -10.00
CA SER B 110 49.03 1.89 -11.17
C SER B 110 48.24 3.15 -11.50
N GLN B 111 47.63 3.76 -10.47
CA GLN B 111 46.87 4.99 -10.67
C GLN B 111 47.77 6.09 -11.23
N CYS B 112 48.96 6.23 -10.65
CA CYS B 112 49.91 7.23 -11.11
C CYS B 112 50.28 7.04 -12.58
N VAL B 113 50.63 5.82 -12.95
CA VAL B 113 50.98 5.55 -14.34
C VAL B 113 49.84 5.97 -15.29
N ALA B 114 48.61 5.53 -15.01
CA ALA B 114 47.50 5.90 -15.87
C ALA B 114 47.30 7.43 -15.87
N GLY B 115 47.35 8.04 -14.68
CA GLY B 115 47.16 9.49 -14.57
C GLY B 115 48.12 10.39 -15.34
N ILE B 116 49.21 9.81 -15.81
CA ILE B 116 50.22 10.54 -16.57
C ILE B 116 50.15 10.05 -18.01
N ALA B 117 50.01 8.75 -18.20
CA ALA B 117 49.93 8.21 -19.54
C ALA B 117 48.75 8.87 -20.23
N CYS B 118 47.73 9.18 -19.43
CA CYS B 118 46.52 9.80 -19.93
C CYS B 118 46.76 11.20 -20.49
N ALA B 119 47.78 11.87 -19.97
CA ALA B 119 48.09 13.21 -20.45
C ALA B 119 49.27 13.24 -21.43
N GLU B 120 50.07 12.17 -21.43
CA GLU B 120 51.24 12.15 -22.30
C GLU B 120 51.20 11.22 -23.52
N ILE B 121 50.47 10.10 -23.45
CA ILE B 121 50.42 9.19 -24.60
C ILE B 121 49.80 9.90 -25.81
N PRO B 122 48.77 10.74 -25.58
CA PRO B 122 48.14 11.46 -26.70
C PRO B 122 49.08 12.47 -27.40
N VAL B 123 50.08 13.03 -26.71
CA VAL B 123 51.02 13.94 -27.39
C VAL B 123 52.40 13.28 -27.49
N ASN B 124 52.39 11.95 -27.64
CA ASN B 124 53.59 11.12 -27.75
C ASN B 124 54.73 11.46 -26.79
N GLN B 125 54.42 11.94 -25.60
CA GLN B 125 55.50 12.31 -24.69
C GLN B 125 55.96 11.28 -23.64
N TRP B 126 55.74 10.00 -23.91
CA TRP B 126 56.18 8.97 -22.98
C TRP B 126 56.12 7.63 -23.69
N PRO B 127 56.76 7.53 -24.88
CA PRO B 127 56.81 6.34 -25.75
C PRO B 127 57.46 5.07 -25.20
N GLU B 128 58.11 5.18 -24.04
CA GLU B 128 58.79 4.06 -23.38
C GLU B 128 57.79 3.24 -22.55
N LEU B 129 56.86 3.97 -21.94
CA LEU B 129 55.81 3.41 -21.07
C LEU B 129 55.11 2.12 -21.49
N ILE B 130 54.57 2.03 -22.70
CA ILE B 130 53.89 0.81 -23.13
C ILE B 130 54.83 -0.38 -23.33
N PRO B 131 55.87 -0.20 -24.17
CA PRO B 131 56.78 -1.33 -24.38
C PRO B 131 57.43 -1.80 -23.06
N GLN B 132 57.69 -0.85 -22.17
CA GLN B 132 58.26 -1.15 -20.87
C GLN B 132 57.36 -2.11 -20.11
N LEU B 133 56.16 -1.65 -19.78
CA LEU B 133 55.17 -2.43 -19.04
C LEU B 133 54.95 -3.76 -19.71
N VAL B 134 54.88 -3.76 -21.04
CA VAL B 134 54.66 -5.01 -21.73
C VAL B 134 55.77 -5.99 -21.35
N ALA B 135 56.98 -5.47 -21.19
CA ALA B 135 58.14 -6.30 -20.84
C ALA B 135 58.04 -6.88 -19.42
N ASN B 136 57.70 -6.05 -18.44
CA ASN B 136 57.57 -6.51 -17.07
C ASN B 136 56.66 -7.72 -16.97
N VAL B 137 55.72 -7.83 -17.91
CA VAL B 137 54.79 -8.96 -17.89
C VAL B 137 55.39 -10.16 -18.60
N THR B 138 56.08 -9.90 -19.70
CA THR B 138 56.66 -10.98 -20.50
C THR B 138 58.04 -11.50 -20.12
N ASN B 139 58.80 -10.75 -19.33
CA ASN B 139 60.11 -11.26 -18.91
C ASN B 139 59.81 -12.38 -17.93
N PRO B 140 60.31 -13.60 -18.19
CA PRO B 140 60.07 -14.75 -17.31
C PRO B 140 60.67 -14.57 -15.92
N ASN B 141 61.79 -13.86 -15.85
CA ASN B 141 62.47 -13.60 -14.59
C ASN B 141 61.74 -12.55 -13.76
N SER B 142 60.57 -12.14 -14.22
CA SER B 142 59.81 -11.13 -13.51
C SER B 142 59.05 -11.70 -12.32
N THR B 143 59.21 -11.00 -11.20
CA THR B 143 58.58 -11.36 -9.94
C THR B 143 57.05 -11.33 -10.11
N GLU B 144 56.31 -11.98 -9.21
CA GLU B 144 54.84 -11.97 -9.33
C GLU B 144 54.31 -10.56 -9.10
N HIS B 145 54.76 -9.93 -8.02
CA HIS B 145 54.39 -8.57 -7.66
C HIS B 145 54.64 -7.59 -8.81
N MET B 146 55.64 -7.88 -9.63
CA MET B 146 55.96 -7.04 -10.78
C MET B 146 54.81 -7.20 -11.75
N LYS B 147 54.58 -8.44 -12.16
CA LYS B 147 53.51 -8.77 -13.10
C LYS B 147 52.12 -8.27 -12.67
N GLU B 148 51.87 -8.27 -11.37
CA GLU B 148 50.60 -7.80 -10.87
C GLU B 148 50.56 -6.29 -10.95
N SER B 149 51.55 -5.63 -10.37
CA SER B 149 51.61 -4.17 -10.39
C SER B 149 51.43 -3.64 -11.81
N THR B 150 52.13 -4.26 -12.74
CA THR B 150 52.07 -3.86 -14.14
C THR B 150 50.72 -4.14 -14.79
N LEU B 151 50.21 -5.36 -14.62
CA LEU B 151 48.93 -5.68 -15.23
C LEU B 151 47.82 -4.74 -14.73
N GLU B 152 47.96 -4.27 -13.50
CA GLU B 152 46.99 -3.34 -12.96
C GLU B 152 47.14 -2.01 -13.71
N ALA B 153 48.37 -1.52 -13.84
CA ALA B 153 48.60 -0.26 -14.55
C ALA B 153 48.09 -0.34 -15.99
N ILE B 154 48.33 -1.44 -16.67
CA ILE B 154 47.84 -1.62 -18.04
C ILE B 154 46.31 -1.47 -18.03
N GLY B 155 45.66 -2.11 -17.07
CA GLY B 155 44.22 -2.03 -16.95
C GLY B 155 43.70 -0.61 -16.80
N TYR B 156 44.29 0.18 -15.89
CA TYR B 156 43.87 1.57 -15.68
C TYR B 156 44.06 2.41 -16.93
N ILE B 157 45.17 2.22 -17.62
CA ILE B 157 45.43 2.98 -18.84
C ILE B 157 44.37 2.56 -19.87
N CYS B 158 44.19 1.25 -20.03
CA CYS B 158 43.19 0.71 -20.97
C CYS B 158 41.80 1.27 -20.66
N GLN B 159 41.58 1.60 -19.39
CA GLN B 159 40.31 2.11 -18.94
C GLN B 159 40.14 3.63 -18.96
N ASP B 160 41.16 4.40 -18.62
CA ASP B 160 40.99 5.86 -18.64
C ASP B 160 41.46 6.56 -19.91
N ILE B 161 42.16 5.88 -20.80
CA ILE B 161 42.60 6.54 -22.02
C ILE B 161 41.76 6.13 -23.22
N ASP B 162 41.55 7.08 -24.12
CA ASP B 162 40.76 6.80 -25.31
C ASP B 162 41.32 5.56 -26.01
N PRO B 163 40.45 4.59 -26.36
CA PRO B 163 40.90 3.36 -27.02
C PRO B 163 41.58 3.58 -28.37
N GLU B 164 41.33 4.72 -29.00
CA GLU B 164 41.97 4.98 -30.29
C GLU B 164 43.44 5.25 -30.05
N GLN B 165 43.75 5.80 -28.90
CA GLN B 165 45.11 6.13 -28.51
C GLN B 165 45.97 4.90 -28.24
N LEU B 166 45.39 3.72 -28.38
CA LEU B 166 46.13 2.48 -28.15
C LEU B 166 45.84 1.47 -29.25
N GLN B 167 45.16 1.87 -30.32
CA GLN B 167 44.85 0.90 -31.35
C GLN B 167 46.09 0.46 -32.09
N ASP B 168 47.09 1.34 -32.14
CA ASP B 168 48.35 1.04 -32.83
C ASP B 168 49.29 0.17 -31.98
N LYS B 169 48.97 0.03 -30.70
CA LYS B 169 49.79 -0.77 -29.80
C LYS B 169 48.96 -1.88 -29.16
N SER B 170 47.96 -2.35 -29.89
CA SER B 170 47.11 -3.40 -29.37
C SER B 170 47.91 -4.71 -29.18
N ASN B 171 48.35 -5.35 -30.27
CA ASN B 171 49.10 -6.63 -30.22
C ASN B 171 50.03 -6.82 -29.02
N GLU B 172 50.87 -5.83 -28.75
CA GLU B 172 51.80 -5.93 -27.62
C GLU B 172 51.06 -6.07 -26.29
N ILE B 173 50.08 -5.20 -26.07
CA ILE B 173 49.29 -5.19 -24.85
C ILE B 173 48.51 -6.49 -24.72
N LEU B 174 47.97 -6.99 -25.82
CA LEU B 174 47.18 -8.22 -25.78
C LEU B 174 48.04 -9.39 -25.35
N THR B 175 49.25 -9.45 -25.88
CA THR B 175 50.18 -10.51 -25.54
C THR B 175 50.43 -10.50 -24.02
N ALA B 176 50.85 -9.34 -23.53
CA ALA B 176 51.15 -9.11 -22.12
C ALA B 176 49.96 -9.47 -21.26
N ILE B 177 48.78 -9.06 -21.72
CA ILE B 177 47.57 -9.34 -21.00
C ILE B 177 47.28 -10.83 -20.98
N ILE B 178 47.24 -11.44 -22.15
CA ILE B 178 46.97 -12.87 -22.20
C ILE B 178 48.03 -13.67 -21.47
N GLN B 179 49.24 -13.15 -21.40
CA GLN B 179 50.31 -13.86 -20.70
C GLN B 179 49.89 -14.05 -19.25
N GLY B 180 49.40 -12.97 -18.64
CA GLY B 180 48.98 -13.01 -17.25
C GLY B 180 47.76 -13.87 -16.95
N MET B 181 47.16 -14.45 -17.98
CA MET B 181 45.98 -15.28 -17.82
C MET B 181 46.18 -16.74 -18.12
N ARG B 182 47.29 -17.06 -18.79
CA ARG B 182 47.59 -18.45 -19.16
C ARG B 182 47.38 -19.38 -17.97
N LYS B 183 46.99 -20.62 -18.25
CA LYS B 183 46.78 -21.59 -17.18
C LYS B 183 48.06 -21.66 -16.33
N GLU B 184 49.20 -21.75 -17.01
CA GLU B 184 50.50 -21.84 -16.37
C GLU B 184 50.82 -20.75 -15.35
N GLU B 185 50.17 -19.61 -15.43
CA GLU B 185 50.46 -18.55 -14.47
C GLU B 185 50.00 -18.98 -13.09
N PRO B 186 50.94 -19.04 -12.14
CA PRO B 186 50.78 -19.40 -10.73
C PRO B 186 49.82 -18.50 -9.95
N SER B 187 50.32 -17.35 -9.54
CA SER B 187 49.54 -16.38 -8.75
C SER B 187 48.21 -16.01 -9.39
N ASN B 188 47.14 -16.16 -8.61
CA ASN B 188 45.84 -15.79 -9.11
C ASN B 188 45.66 -14.29 -8.99
N ASN B 189 46.42 -13.66 -8.09
CA ASN B 189 46.35 -12.19 -7.94
C ASN B 189 46.71 -11.57 -9.28
N VAL B 190 47.66 -12.20 -9.96
CA VAL B 190 48.09 -11.74 -11.28
C VAL B 190 46.99 -12.12 -12.27
N LYS B 191 46.66 -13.41 -12.35
CA LYS B 191 45.62 -13.85 -13.25
C LYS B 191 44.40 -12.92 -13.17
N LEU B 192 44.09 -12.43 -11.96
CA LEU B 192 42.96 -11.51 -11.79
C LEU B 192 43.23 -10.21 -12.55
N ALA B 193 44.24 -9.47 -12.10
CA ALA B 193 44.62 -8.21 -12.72
C ALA B 193 44.66 -8.30 -14.24
N ALA B 194 45.23 -9.39 -14.75
CA ALA B 194 45.33 -9.59 -16.19
C ALA B 194 43.93 -9.68 -16.81
N THR B 195 43.07 -10.51 -16.24
CA THR B 195 41.70 -10.63 -16.75
C THR B 195 40.91 -9.31 -16.66
N ASN B 196 41.21 -8.50 -15.64
CA ASN B 196 40.53 -7.23 -15.47
C ASN B 196 40.96 -6.24 -16.52
N ALA B 197 42.20 -6.38 -16.98
CA ALA B 197 42.67 -5.48 -18.01
C ALA B 197 42.08 -5.93 -19.34
N LEU B 198 41.97 -7.24 -19.52
CA LEU B 198 41.42 -7.77 -20.77
C LEU B 198 40.03 -7.24 -21.05
N LEU B 199 39.27 -6.97 -19.99
CA LEU B 199 37.92 -6.47 -20.17
C LEU B 199 37.89 -5.10 -20.85
N ASN B 200 38.86 -4.25 -20.54
CA ASN B 200 38.91 -2.93 -21.13
C ASN B 200 39.62 -2.93 -22.48
N SER B 201 40.29 -4.03 -22.78
CA SER B 201 41.01 -4.12 -24.03
C SER B 201 40.22 -4.68 -25.21
N LEU B 202 38.98 -5.11 -24.96
CA LEU B 202 38.16 -5.68 -26.03
C LEU B 202 37.81 -4.68 -27.11
N GLU B 203 37.67 -3.41 -26.71
CA GLU B 203 37.31 -2.35 -27.63
C GLU B 203 38.28 -2.15 -28.78
N PHE B 204 39.57 -2.19 -28.50
CA PHE B 204 40.56 -1.99 -29.55
C PHE B 204 41.30 -3.25 -29.95
N THR B 205 40.63 -4.40 -29.87
CA THR B 205 41.27 -5.64 -30.25
C THR B 205 40.55 -6.35 -31.39
N LYS B 206 39.64 -5.62 -32.04
CA LYS B 206 38.87 -6.20 -33.13
C LYS B 206 39.75 -7.01 -34.09
N ALA B 207 40.83 -6.40 -34.55
CA ALA B 207 41.77 -7.04 -35.46
C ALA B 207 42.02 -8.49 -35.09
N ASN B 208 42.29 -8.71 -33.81
CA ASN B 208 42.60 -10.02 -33.27
C ASN B 208 41.46 -11.03 -33.29
N PHE B 209 40.25 -10.59 -32.96
CA PHE B 209 39.12 -11.52 -32.93
C PHE B 209 38.67 -11.96 -34.31
N ASP B 210 38.99 -11.16 -35.32
CA ASP B 210 38.59 -11.50 -36.67
C ASP B 210 39.50 -12.60 -37.24
N LYS B 211 40.70 -12.75 -36.67
CA LYS B 211 41.65 -13.78 -37.12
C LYS B 211 41.36 -15.13 -36.45
N GLU B 212 40.73 -16.01 -37.23
CA GLU B 212 40.35 -17.33 -36.76
C GLU B 212 41.43 -17.94 -35.87
N SER B 213 42.69 -17.66 -36.17
CA SER B 213 43.80 -18.17 -35.37
C SER B 213 43.70 -17.74 -33.91
N GLU B 214 44.10 -16.50 -33.69
CA GLU B 214 44.13 -15.88 -32.37
C GLU B 214 42.79 -15.91 -31.62
N ARG B 215 41.68 -15.87 -32.34
CA ARG B 215 40.36 -15.94 -31.69
C ARG B 215 40.35 -17.27 -30.92
N HIS B 216 40.39 -18.37 -31.68
CA HIS B 216 40.40 -19.73 -31.15
C HIS B 216 41.31 -19.93 -29.96
N PHE B 217 42.17 -18.96 -29.69
CA PHE B 217 43.07 -19.09 -28.55
C PHE B 217 42.55 -18.24 -27.42
N ILE B 218 42.25 -16.98 -27.69
CA ILE B 218 41.78 -16.09 -26.65
C ILE B 218 40.56 -16.67 -25.95
N MET B 219 39.74 -17.39 -26.70
CA MET B 219 38.56 -18.02 -26.10
C MET B 219 39.03 -19.07 -25.10
N GLN B 220 39.91 -19.97 -25.57
CA GLN B 220 40.43 -21.03 -24.70
C GLN B 220 41.02 -20.45 -23.42
N VAL B 221 41.79 -19.38 -23.53
CA VAL B 221 42.35 -18.80 -22.32
C VAL B 221 41.20 -18.35 -21.40
N VAL B 222 40.28 -17.55 -21.95
CA VAL B 222 39.14 -17.03 -21.22
C VAL B 222 38.32 -18.12 -20.55
N CYS B 223 37.94 -19.12 -21.33
CA CYS B 223 37.18 -20.19 -20.77
C CYS B 223 37.85 -20.85 -19.57
N GLU B 224 39.13 -21.16 -19.70
CA GLU B 224 39.87 -21.78 -18.60
C GLU B 224 39.92 -20.88 -17.37
N ALA B 225 39.81 -19.58 -17.57
CA ALA B 225 39.86 -18.63 -16.46
C ALA B 225 38.56 -18.64 -15.66
N THR B 226 37.49 -19.17 -16.25
CA THR B 226 36.20 -19.21 -15.56
C THR B 226 36.21 -20.35 -14.56
N GLN B 227 37.25 -21.18 -14.63
CA GLN B 227 37.39 -22.30 -13.73
C GLN B 227 38.24 -21.94 -12.52
N CYS B 228 39.07 -20.92 -12.65
CA CYS B 228 39.94 -20.49 -11.55
C CYS B 228 39.19 -20.39 -10.21
N PRO B 229 39.58 -21.22 -9.24
CA PRO B 229 38.94 -21.21 -7.93
C PRO B 229 38.90 -19.85 -7.25
N ASP B 230 39.66 -18.88 -7.76
CA ASP B 230 39.58 -17.57 -7.14
C ASP B 230 38.39 -16.89 -7.77
N THR B 231 37.25 -16.99 -7.10
CA THR B 231 36.00 -16.39 -7.56
C THR B 231 36.24 -15.08 -8.32
N ARG B 232 36.96 -14.15 -7.68
CA ARG B 232 37.27 -12.84 -8.26
C ARG B 232 37.66 -12.93 -9.73
N VAL B 233 38.37 -14.00 -10.07
CA VAL B 233 38.78 -14.24 -11.43
C VAL B 233 37.58 -14.78 -12.20
N ARG B 234 36.99 -15.85 -11.66
CA ARG B 234 35.83 -16.49 -12.29
C ARG B 234 34.79 -15.45 -12.73
N VAL B 235 34.63 -14.41 -11.92
CA VAL B 235 33.69 -13.38 -12.29
C VAL B 235 34.22 -12.63 -13.51
N ALA B 236 35.37 -11.98 -13.36
CA ALA B 236 35.95 -11.24 -14.47
C ALA B 236 36.07 -12.09 -15.74
N ALA B 237 36.31 -13.38 -15.57
CA ALA B 237 36.43 -14.24 -16.73
C ALA B 237 35.10 -14.32 -17.49
N LEU B 238 34.00 -14.40 -16.74
CA LEU B 238 32.68 -14.46 -17.37
C LEU B 238 32.38 -13.08 -17.97
N GLN B 239 32.77 -12.02 -17.25
CA GLN B 239 32.54 -10.66 -17.73
C GLN B 239 33.02 -10.51 -19.17
N ASN B 240 34.15 -11.12 -19.49
CA ASN B 240 34.68 -11.05 -20.84
C ASN B 240 33.81 -11.90 -21.75
N LEU B 241 33.37 -13.06 -21.25
CA LEU B 241 32.52 -13.93 -22.06
C LEU B 241 31.25 -13.20 -22.42
N VAL B 242 30.75 -12.37 -21.52
CA VAL B 242 29.55 -11.61 -21.80
C VAL B 242 29.83 -10.56 -22.87
N LYS B 243 30.76 -9.63 -22.58
CA LYS B 243 31.12 -8.57 -23.52
C LYS B 243 31.45 -9.07 -24.94
N ILE B 244 32.06 -10.25 -25.02
CA ILE B 244 32.40 -10.86 -26.31
C ILE B 244 31.12 -11.26 -27.02
N MET B 245 30.23 -11.95 -26.31
CA MET B 245 28.96 -12.39 -26.90
C MET B 245 28.30 -11.24 -27.63
N SER B 246 28.46 -10.06 -27.05
CA SER B 246 27.91 -8.84 -27.60
C SER B 246 28.64 -8.43 -28.88
N LEU B 247 29.95 -8.17 -28.75
CA LEU B 247 30.76 -7.75 -29.89
C LEU B 247 30.99 -8.76 -31.00
N TYR B 248 31.05 -10.06 -30.70
CA TYR B 248 31.32 -11.05 -31.76
C TYR B 248 30.36 -12.21 -31.83
N TYR B 249 29.07 -11.92 -31.86
CA TYR B 249 28.08 -12.98 -31.93
C TYR B 249 28.35 -13.92 -33.10
N GLN B 250 28.62 -13.36 -34.27
CA GLN B 250 28.85 -14.20 -35.44
C GLN B 250 29.93 -15.28 -35.31
N TYR B 251 31.01 -14.99 -34.59
CA TYR B 251 32.10 -15.95 -34.42
C TYR B 251 31.83 -17.02 -33.38
N MET B 252 30.76 -16.86 -32.62
CA MET B 252 30.45 -17.80 -31.54
C MET B 252 29.92 -19.22 -31.81
N GLU B 253 29.36 -19.55 -32.99
CA GLU B 253 28.81 -20.91 -33.19
C GLU B 253 29.77 -22.07 -32.91
N THR B 254 31.07 -21.76 -32.89
CA THR B 254 32.11 -22.76 -32.65
C THR B 254 32.25 -23.10 -31.17
N TYR B 255 32.10 -22.08 -30.34
CA TYR B 255 32.29 -22.21 -28.91
C TYR B 255 31.04 -22.45 -28.12
N MET B 256 29.92 -21.94 -28.64
CA MET B 256 28.63 -22.05 -27.97
C MET B 256 28.32 -23.44 -27.39
N GLY B 257 28.14 -24.41 -28.28
CA GLY B 257 27.80 -25.75 -27.85
C GLY B 257 28.82 -26.56 -27.07
N PRO B 258 30.09 -26.55 -27.49
CA PRO B 258 31.14 -27.30 -26.80
C PRO B 258 31.70 -26.69 -25.50
N ALA B 259 31.21 -25.53 -25.08
CA ALA B 259 31.73 -24.93 -23.86
C ALA B 259 30.94 -23.78 -23.30
N LEU B 260 30.74 -22.74 -24.08
CA LEU B 260 30.01 -21.58 -23.58
C LEU B 260 28.69 -21.94 -22.90
N PHE B 261 27.89 -22.80 -23.53
CA PHE B 261 26.62 -23.14 -22.93
C PHE B 261 26.77 -23.67 -21.50
N ALA B 262 27.60 -24.69 -21.32
CA ALA B 262 27.80 -25.26 -20.00
C ALA B 262 28.29 -24.24 -18.99
N ILE B 263 29.26 -23.41 -19.39
CA ILE B 263 29.82 -22.41 -18.49
C ILE B 263 28.80 -21.41 -17.99
N THR B 264 28.07 -20.81 -18.93
CA THR B 264 27.06 -19.81 -18.57
C THR B 264 25.92 -20.41 -17.78
N ILE B 265 25.52 -21.63 -18.11
CA ILE B 265 24.44 -22.27 -17.37
C ILE B 265 24.88 -22.51 -15.92
N GLU B 266 26.03 -23.13 -15.70
CA GLU B 266 26.46 -23.37 -14.32
C GLU B 266 26.56 -22.02 -13.63
N ALA B 267 27.03 -21.02 -14.37
CA ALA B 267 27.20 -19.67 -13.87
C ALA B 267 25.92 -19.12 -13.27
N MET B 268 24.80 -19.28 -13.96
CA MET B 268 23.50 -18.80 -13.51
C MET B 268 23.04 -19.52 -12.25
N LYS B 269 23.70 -20.62 -11.91
CA LYS B 269 23.31 -21.41 -10.74
C LYS B 269 24.19 -21.25 -9.52
N SER B 270 25.37 -20.65 -9.67
CA SER B 270 26.21 -20.50 -8.49
C SER B 270 25.48 -19.64 -7.49
N ASP B 271 25.66 -19.96 -6.21
CA ASP B 271 25.03 -19.22 -5.14
C ASP B 271 25.64 -17.84 -5.04
N ILE B 272 26.78 -17.65 -5.69
CA ILE B 272 27.46 -16.37 -5.68
C ILE B 272 26.80 -15.40 -6.67
N ASP B 273 25.99 -14.49 -6.13
CA ASP B 273 25.29 -13.50 -6.93
C ASP B 273 26.17 -12.93 -8.04
N GLU B 274 27.28 -12.30 -7.64
CA GLU B 274 28.24 -11.70 -8.55
C GLU B 274 28.43 -12.57 -9.79
N VAL B 275 28.43 -13.88 -9.58
CA VAL B 275 28.60 -14.83 -10.66
C VAL B 275 27.31 -15.00 -11.42
N ALA B 276 26.28 -15.44 -10.70
CA ALA B 276 24.97 -15.67 -11.28
C ALA B 276 24.55 -14.53 -12.18
N LEU B 277 24.68 -13.32 -11.66
CA LEU B 277 24.33 -12.10 -12.40
C LEU B 277 24.98 -12.05 -13.77
N GLN B 278 26.20 -12.59 -13.87
CA GLN B 278 26.93 -12.57 -15.12
C GLN B 278 26.39 -13.62 -16.08
N GLY B 279 26.04 -14.78 -15.54
CA GLY B 279 25.48 -15.81 -16.37
C GLY B 279 24.20 -15.29 -16.99
N ILE B 280 23.37 -14.67 -16.16
CA ILE B 280 22.11 -14.11 -16.61
C ILE B 280 22.41 -13.09 -17.71
N GLU B 281 23.24 -12.11 -17.37
CA GLU B 281 23.63 -11.06 -18.31
C GLU B 281 24.01 -11.64 -19.68
N PHE B 282 24.68 -12.78 -19.66
CA PHE B 282 25.11 -13.44 -20.90
C PHE B 282 23.97 -13.66 -21.89
N TRP B 283 23.00 -14.48 -21.49
CA TRP B 283 21.85 -14.77 -22.34
C TRP B 283 21.02 -13.54 -22.68
N SER B 284 20.88 -12.64 -21.70
CA SER B 284 20.13 -11.43 -21.94
C SER B 284 20.72 -10.73 -23.16
N ASN B 285 22.01 -10.97 -23.39
CA ASN B 285 22.69 -10.38 -24.53
C ASN B 285 22.45 -11.21 -25.79
N VAL B 286 22.37 -12.53 -25.62
CA VAL B 286 22.11 -13.39 -26.76
C VAL B 286 20.78 -12.95 -27.35
N CYS B 287 19.80 -12.74 -26.47
CA CYS B 287 18.48 -12.31 -26.89
C CYS B 287 18.54 -11.01 -27.67
N ASP B 288 19.04 -9.95 -27.05
CA ASP B 288 19.14 -8.69 -27.77
C ASP B 288 19.66 -8.97 -29.17
N GLU B 289 20.72 -9.77 -29.25
CA GLU B 289 21.31 -10.12 -30.54
C GLU B 289 20.36 -10.82 -31.50
N GLU B 290 19.81 -11.96 -31.06
CA GLU B 290 18.92 -12.75 -31.92
C GLU B 290 17.64 -12.02 -32.33
N MET B 291 17.26 -10.99 -31.58
CA MET B 291 16.07 -10.23 -31.92
C MET B 291 16.44 -9.23 -33.00
N ASP B 292 17.56 -8.52 -32.81
CA ASP B 292 18.01 -7.58 -33.82
C ASP B 292 18.23 -8.36 -35.10
N LEU B 293 18.69 -9.60 -34.95
CA LEU B 293 18.93 -10.45 -36.10
C LEU B 293 17.64 -10.78 -36.84
N ALA B 294 16.61 -11.20 -36.09
CA ALA B 294 15.32 -11.54 -36.70
C ALA B 294 14.73 -10.35 -37.45
N ILE B 295 15.09 -9.15 -37.00
CA ILE B 295 14.63 -7.92 -37.62
C ILE B 295 15.38 -7.70 -38.93
N GLU B 296 16.70 -7.90 -38.89
CA GLU B 296 17.51 -7.74 -40.08
C GLU B 296 16.99 -8.74 -41.13
N ALA B 297 16.56 -9.90 -40.65
CA ALA B 297 16.04 -10.94 -41.52
C ALA B 297 14.71 -10.55 -42.15
N SER B 298 13.85 -9.96 -41.33
CA SER B 298 12.54 -9.53 -41.79
C SER B 298 12.66 -8.40 -42.81
N GLU B 299 13.81 -7.74 -42.82
CA GLU B 299 14.04 -6.63 -43.73
C GLU B 299 14.61 -7.08 -45.07
N ALA B 300 15.36 -8.18 -45.04
CA ALA B 300 15.96 -8.70 -46.26
C ALA B 300 14.91 -9.51 -47.02
N ALA B 301 13.86 -9.92 -46.30
CA ALA B 301 12.78 -10.67 -46.91
C ALA B 301 12.04 -9.74 -47.85
N GLU B 302 11.99 -8.48 -47.47
CA GLU B 302 11.32 -7.45 -48.26
C GLU B 302 12.31 -6.76 -49.18
N GLN B 303 13.22 -7.55 -49.73
CA GLN B 303 14.24 -7.05 -50.65
C GLN B 303 14.63 -8.20 -51.55
N GLY B 304 13.97 -9.34 -51.33
CA GLY B 304 14.25 -10.53 -52.13
C GLY B 304 15.70 -10.96 -52.10
N ARG B 305 16.33 -10.87 -50.93
CA ARG B 305 17.71 -11.27 -50.79
C ARG B 305 17.95 -11.87 -49.40
N PRO B 306 18.86 -12.86 -49.30
CA PRO B 306 19.15 -13.47 -48.00
C PRO B 306 19.70 -12.36 -47.11
N PRO B 307 19.52 -12.49 -45.79
CA PRO B 307 20.02 -11.45 -44.86
C PRO B 307 21.54 -11.54 -44.70
N GLU B 308 22.19 -10.42 -44.40
CA GLU B 308 23.64 -10.41 -44.23
C GLU B 308 24.13 -11.45 -43.21
N HIS B 309 23.66 -11.35 -41.97
CA HIS B 309 24.02 -12.30 -40.93
C HIS B 309 22.80 -13.09 -40.51
N THR B 310 23.01 -14.22 -39.84
CA THR B 310 21.87 -15.01 -39.43
C THR B 310 21.95 -15.56 -38.03
N SER B 311 20.82 -15.45 -37.35
CA SER B 311 20.65 -15.94 -36.00
C SER B 311 20.84 -17.47 -36.02
N LYS B 312 21.11 -18.03 -34.84
CA LYS B 312 21.28 -19.48 -34.73
C LYS B 312 20.27 -19.94 -33.68
N PHE B 313 19.42 -19.00 -33.27
CA PHE B 313 18.38 -19.27 -32.29
C PHE B 313 18.86 -20.03 -31.06
N TYR B 314 19.95 -19.56 -30.47
CA TYR B 314 20.49 -20.19 -29.28
C TYR B 314 19.47 -20.06 -28.14
N ALA B 315 19.00 -18.83 -27.91
CA ALA B 315 18.02 -18.56 -26.86
C ALA B 315 16.86 -19.55 -26.97
N LYS B 316 16.21 -19.53 -28.13
CA LYS B 316 15.08 -20.41 -28.40
C LYS B 316 15.45 -21.85 -28.05
N GLY B 317 16.72 -22.19 -28.30
CA GLY B 317 17.20 -23.52 -28.02
C GLY B 317 17.43 -23.83 -26.56
N ALA B 318 18.09 -22.92 -25.85
CA ALA B 318 18.37 -23.11 -24.42
C ALA B 318 17.13 -22.87 -23.55
N LEU B 319 16.04 -22.47 -24.21
CA LEU B 319 14.78 -22.17 -23.55
C LEU B 319 14.36 -23.22 -22.52
N GLN B 320 14.57 -24.49 -22.84
CA GLN B 320 14.20 -25.55 -21.91
C GLN B 320 15.04 -25.51 -20.63
N TYR B 321 16.26 -25.01 -20.74
CA TYR B 321 17.16 -24.97 -19.59
C TYR B 321 17.13 -23.64 -18.86
N LEU B 322 16.94 -22.57 -19.62
CA LEU B 322 16.93 -21.24 -19.04
C LEU B 322 15.73 -21.01 -18.11
N VAL B 323 14.54 -21.17 -18.67
CA VAL B 323 13.31 -20.97 -17.92
C VAL B 323 13.26 -21.57 -16.51
N PRO B 324 13.40 -22.90 -16.37
CA PRO B 324 13.34 -23.41 -15.00
C PRO B 324 14.38 -22.78 -14.05
N ILE B 325 15.56 -22.43 -14.58
CA ILE B 325 16.60 -21.82 -13.74
C ILE B 325 16.21 -20.40 -13.38
N LEU B 326 15.63 -19.68 -14.34
CA LEU B 326 15.18 -18.30 -14.11
C LEU B 326 14.02 -18.25 -13.11
N THR B 327 12.93 -18.97 -13.41
CA THR B 327 11.77 -18.98 -12.50
C THR B 327 12.19 -19.29 -11.07
N GLN B 328 13.07 -20.26 -10.90
CA GLN B 328 13.56 -20.65 -9.57
C GLN B 328 14.32 -19.47 -8.91
N THR B 329 15.07 -18.73 -9.71
CA THR B 329 15.81 -17.57 -9.19
C THR B 329 14.84 -16.49 -8.71
N LEU B 330 13.63 -16.52 -9.24
CA LEU B 330 12.63 -15.54 -8.83
C LEU B 330 12.15 -15.90 -7.41
N THR B 331 12.75 -16.93 -6.83
CA THR B 331 12.41 -17.39 -5.51
C THR B 331 13.33 -16.75 -4.49
N LYS B 332 14.60 -16.67 -4.87
CA LYS B 332 15.63 -16.10 -4.03
C LYS B 332 15.47 -14.57 -4.00
N GLN B 333 14.29 -14.13 -3.57
CA GLN B 333 14.01 -12.70 -3.47
C GLN B 333 14.48 -12.32 -2.10
N ASP B 334 15.59 -11.61 -2.06
CA ASP B 334 16.13 -11.18 -0.80
C ASP B 334 15.02 -10.33 -0.19
N GLU B 335 14.80 -10.46 1.12
CA GLU B 335 13.80 -9.64 1.77
C GLU B 335 14.51 -8.30 2.01
N ASN B 336 15.47 -8.03 1.11
CA ASN B 336 16.29 -6.82 1.12
C ASN B 336 15.44 -5.60 0.80
N ASP B 337 15.02 -4.92 1.86
CA ASP B 337 14.20 -3.73 1.74
C ASP B 337 14.85 -2.80 0.70
N ASP B 338 16.14 -3.01 0.45
CA ASP B 338 16.90 -2.23 -0.53
C ASP B 338 16.16 -2.28 -1.87
N ASP B 339 16.44 -1.32 -2.75
CA ASP B 339 15.76 -1.28 -4.04
C ASP B 339 16.76 -1.21 -5.21
N ASP B 340 17.78 -0.37 -5.06
CA ASP B 340 18.81 -0.19 -6.10
C ASP B 340 19.82 -1.35 -6.09
N ASP B 341 19.50 -2.39 -5.34
CA ASP B 341 20.37 -3.55 -5.25
C ASP B 341 20.07 -4.55 -6.35
N TRP B 342 20.61 -4.24 -7.53
CA TRP B 342 20.45 -5.09 -8.70
C TRP B 342 21.02 -6.48 -8.36
N ASN B 343 20.13 -7.42 -8.03
CA ASN B 343 20.52 -8.78 -7.64
C ASN B 343 20.09 -9.86 -8.61
N PRO B 344 20.52 -11.12 -8.38
CA PRO B 344 20.16 -12.24 -9.26
C PRO B 344 18.68 -12.30 -9.58
N CYS B 345 17.86 -11.81 -8.66
CA CYS B 345 16.42 -11.85 -8.88
C CYS B 345 16.03 -10.81 -9.91
N LYS B 346 16.15 -9.54 -9.56
CA LYS B 346 15.79 -8.46 -10.47
C LYS B 346 16.28 -8.76 -11.89
N ALA B 347 17.47 -9.34 -12.00
CA ALA B 347 18.03 -9.65 -13.30
C ALA B 347 17.32 -10.79 -13.98
N ALA B 348 16.99 -11.83 -13.22
CA ALA B 348 16.31 -12.99 -13.78
C ALA B 348 14.92 -12.57 -14.27
N GLY B 349 14.45 -11.44 -13.75
CA GLY B 349 13.17 -10.94 -14.18
C GLY B 349 13.40 -10.38 -15.57
N VAL B 350 14.16 -9.30 -15.63
CA VAL B 350 14.48 -8.65 -16.89
C VAL B 350 14.79 -9.66 -17.98
N CYS B 351 15.50 -10.72 -17.61
CA CYS B 351 15.85 -11.74 -18.58
C CYS B 351 14.59 -12.42 -19.11
N LEU B 352 13.79 -12.97 -18.21
CA LEU B 352 12.57 -13.64 -18.61
C LEU B 352 11.79 -12.77 -19.58
N MET B 353 11.69 -11.49 -19.26
CA MET B 353 10.97 -10.54 -20.11
C MET B 353 11.59 -10.50 -21.49
N LEU B 354 12.92 -10.49 -21.54
CA LEU B 354 13.64 -10.47 -22.81
C LEU B 354 13.39 -11.75 -23.59
N LEU B 355 13.33 -12.87 -22.89
CA LEU B 355 13.07 -14.15 -23.54
C LEU B 355 11.70 -14.10 -24.17
N ALA B 356 10.72 -13.62 -23.41
CA ALA B 356 9.36 -13.52 -23.89
C ALA B 356 9.25 -12.67 -25.16
N THR B 357 10.04 -11.59 -25.26
CA THR B 357 9.96 -10.76 -26.45
C THR B 357 10.85 -11.32 -27.56
N CYS B 358 11.66 -12.32 -27.21
CA CYS B 358 12.56 -12.95 -28.18
C CYS B 358 12.00 -14.25 -28.75
N CYS B 359 11.06 -14.87 -28.05
CA CYS B 359 10.45 -16.12 -28.48
C CYS B 359 8.94 -16.04 -28.33
N GLU B 360 8.37 -14.93 -28.79
CA GLU B 360 6.93 -14.72 -28.73
C GLU B 360 6.21 -15.93 -29.26
N ASP B 361 5.99 -16.92 -28.41
CA ASP B 361 5.33 -18.15 -28.81
C ASP B 361 5.75 -19.23 -27.84
N ASP B 362 6.95 -19.73 -28.09
CA ASP B 362 7.56 -20.81 -27.32
C ASP B 362 7.74 -20.52 -25.85
N ILE B 363 7.69 -19.25 -25.48
CA ILE B 363 7.88 -18.85 -24.08
C ILE B 363 6.75 -19.28 -23.16
N VAL B 364 5.54 -18.80 -23.44
CA VAL B 364 4.37 -19.08 -22.63
C VAL B 364 4.25 -20.51 -22.09
N PRO B 365 4.33 -21.52 -22.98
CA PRO B 365 4.24 -22.92 -22.56
C PRO B 365 5.25 -23.43 -21.53
N HIS B 366 6.46 -22.86 -21.49
CA HIS B 366 7.48 -23.30 -20.53
C HIS B 366 7.32 -22.61 -19.19
N VAL B 367 6.81 -21.39 -19.21
CA VAL B 367 6.61 -20.60 -18.00
C VAL B 367 5.32 -20.98 -17.25
N LEU B 368 4.22 -21.04 -18.00
CA LEU B 368 2.90 -21.34 -17.44
C LEU B 368 2.87 -22.43 -16.37
N PRO B 369 3.38 -23.63 -16.69
CA PRO B 369 3.36 -24.68 -15.67
C PRO B 369 3.84 -24.20 -14.31
N PHE B 370 4.92 -23.40 -14.30
CA PHE B 370 5.44 -22.87 -13.03
C PHE B 370 4.42 -21.96 -12.39
N ILE B 371 3.89 -21.03 -13.19
CA ILE B 371 2.90 -20.08 -12.68
C ILE B 371 1.73 -20.77 -12.02
N LYS B 372 1.10 -21.69 -12.75
CA LYS B 372 -0.05 -22.41 -12.22
C LYS B 372 0.29 -23.15 -10.93
N GLU B 373 1.41 -23.85 -10.91
CA GLU B 373 1.80 -24.61 -9.75
C GLU B 373 2.12 -23.81 -8.49
N HIS B 374 2.64 -22.59 -8.64
CA HIS B 374 2.99 -21.79 -7.46
C HIS B 374 2.21 -20.52 -7.23
N ILE B 375 1.15 -20.31 -7.99
CA ILE B 375 0.37 -19.09 -7.83
C ILE B 375 -0.36 -19.10 -6.50
N LYS B 376 -0.73 -20.30 -6.05
CA LYS B 376 -1.43 -20.46 -4.78
C LYS B 376 -0.53 -21.20 -3.80
N ASN B 377 0.73 -20.80 -3.74
CA ASN B 377 1.69 -21.43 -2.84
C ASN B 377 1.71 -20.68 -1.51
N PRO B 378 1.87 -21.42 -0.40
CA PRO B 378 1.91 -20.83 0.94
C PRO B 378 3.08 -19.87 1.11
N ASP B 379 4.24 -20.27 0.57
CA ASP B 379 5.45 -19.46 0.66
C ASP B 379 5.37 -18.19 -0.18
N TRP B 380 5.37 -17.04 0.49
CA TRP B 380 5.26 -15.75 -0.19
C TRP B 380 6.28 -15.60 -1.32
N ARG B 381 7.45 -16.24 -1.16
CA ARG B 381 8.49 -16.18 -2.16
C ARG B 381 8.05 -16.87 -3.46
N TYR B 382 7.72 -18.15 -3.38
CA TYR B 382 7.29 -18.88 -4.56
C TYR B 382 6.02 -18.30 -5.15
N ARG B 383 5.21 -17.70 -4.29
CA ARG B 383 3.98 -17.12 -4.77
C ARG B 383 4.39 -15.94 -5.64
N ASP B 384 5.07 -14.98 -5.01
CA ASP B 384 5.54 -13.79 -5.69
C ASP B 384 6.18 -14.18 -7.02
N ALA B 385 6.90 -15.29 -7.01
CA ALA B 385 7.55 -15.79 -8.22
C ALA B 385 6.54 -16.00 -9.32
N ALA B 386 5.55 -16.84 -9.03
CA ALA B 386 4.49 -17.17 -9.99
C ALA B 386 3.86 -15.89 -10.52
N VAL B 387 3.60 -14.94 -9.63
CA VAL B 387 2.98 -13.68 -10.02
C VAL B 387 3.87 -12.89 -10.97
N MET B 388 5.17 -12.87 -10.68
CA MET B 388 6.13 -12.15 -11.50
C MET B 388 6.29 -12.87 -12.82
N ALA B 389 6.46 -14.19 -12.75
CA ALA B 389 6.61 -15.03 -13.95
C ALA B 389 5.52 -14.70 -14.94
N PHE B 390 4.27 -14.72 -14.47
CA PHE B 390 3.13 -14.41 -15.32
C PHE B 390 3.28 -13.02 -15.97
N GLY B 391 3.38 -11.99 -15.14
CA GLY B 391 3.51 -10.64 -15.67
C GLY B 391 4.67 -10.43 -16.63
N CYS B 392 5.63 -11.36 -16.63
CA CYS B 392 6.80 -11.25 -17.50
C CYS B 392 6.52 -11.60 -18.94
N ILE B 393 5.82 -12.70 -19.14
CA ILE B 393 5.50 -13.17 -20.47
C ILE B 393 4.33 -12.43 -21.13
N LEU B 394 3.78 -11.44 -20.45
CA LEU B 394 2.66 -10.69 -21.00
C LEU B 394 3.01 -9.85 -22.20
N GLU B 395 4.28 -9.70 -22.50
CA GLU B 395 4.66 -8.91 -23.66
C GLU B 395 5.45 -9.75 -24.64
N GLY B 396 4.99 -9.78 -25.87
CA GLY B 396 5.66 -10.57 -26.89
C GLY B 396 4.69 -11.56 -27.49
N PRO B 397 4.30 -12.62 -26.76
CA PRO B 397 3.36 -13.62 -27.29
C PRO B 397 2.17 -12.93 -27.93
N GLU B 398 1.58 -13.58 -28.92
CA GLU B 398 0.42 -13.02 -29.60
C GLU B 398 -0.63 -12.67 -28.56
N PRO B 399 -1.27 -11.49 -28.70
CA PRO B 399 -2.30 -11.06 -27.74
C PRO B 399 -3.38 -12.14 -27.62
N SER B 400 -3.80 -12.64 -28.78
CA SER B 400 -4.81 -13.67 -28.87
C SER B 400 -4.50 -14.90 -28.01
N GLN B 401 -3.23 -15.24 -27.91
CA GLN B 401 -2.79 -16.38 -27.11
C GLN B 401 -2.84 -16.03 -25.62
N LEU B 402 -2.84 -14.72 -25.34
CA LEU B 402 -2.86 -14.21 -23.96
C LEU B 402 -4.23 -13.95 -23.32
N LYS B 403 -5.10 -13.20 -24.00
CA LYS B 403 -6.42 -12.88 -23.45
C LYS B 403 -7.13 -14.01 -22.70
N PRO B 404 -7.18 -15.22 -23.28
CA PRO B 404 -7.85 -16.32 -22.56
C PRO B 404 -7.21 -16.63 -21.20
N LEU B 405 -5.89 -16.66 -21.17
CA LEU B 405 -5.13 -16.94 -19.96
C LEU B 405 -5.32 -15.86 -18.91
N VAL B 406 -5.40 -14.61 -19.36
CA VAL B 406 -5.60 -13.49 -18.47
C VAL B 406 -6.94 -13.67 -17.76
N ILE B 407 -8.00 -13.69 -18.55
CA ILE B 407 -9.35 -13.86 -18.04
C ILE B 407 -9.52 -15.07 -17.13
N GLN B 408 -8.95 -16.21 -17.50
CA GLN B 408 -9.08 -17.41 -16.66
C GLN B 408 -8.21 -17.36 -15.41
N ALA B 409 -7.46 -16.27 -15.24
CA ALA B 409 -6.58 -16.13 -14.09
C ALA B 409 -6.87 -14.88 -13.26
N MET B 410 -7.60 -13.95 -13.86
CA MET B 410 -7.99 -12.71 -13.20
C MET B 410 -8.50 -12.81 -11.76
N PRO B 411 -9.27 -13.88 -11.44
CA PRO B 411 -9.79 -14.04 -10.07
C PRO B 411 -8.67 -13.96 -9.02
N THR B 412 -7.98 -15.08 -8.86
CA THR B 412 -6.88 -15.20 -7.90
C THR B 412 -5.83 -14.09 -8.01
N LEU B 413 -5.74 -13.46 -9.18
CA LEU B 413 -4.78 -12.40 -9.38
C LEU B 413 -5.19 -11.18 -8.57
N ILE B 414 -6.39 -10.68 -8.87
CA ILE B 414 -6.91 -9.51 -8.18
C ILE B 414 -6.92 -9.72 -6.67
N GLU B 415 -7.11 -10.97 -6.25
CA GLU B 415 -7.13 -11.29 -4.84
C GLU B 415 -5.73 -11.15 -4.27
N LEU B 416 -4.74 -11.51 -5.07
CA LEU B 416 -3.36 -11.39 -4.64
C LEU B 416 -3.01 -9.94 -4.39
N MET B 417 -3.78 -9.04 -5.02
CA MET B 417 -3.56 -7.61 -4.86
C MET B 417 -3.61 -7.14 -3.41
N LYS B 418 -4.30 -7.90 -2.56
CA LYS B 418 -4.41 -7.59 -1.15
C LYS B 418 -3.89 -8.76 -0.34
N ASP B 419 -2.91 -9.45 -0.90
CA ASP B 419 -2.29 -10.61 -0.26
C ASP B 419 -1.62 -10.13 1.03
N PRO B 420 -1.52 -11.02 2.05
CA PRO B 420 -0.90 -10.67 3.33
C PRO B 420 0.49 -10.08 3.16
N SER B 421 1.19 -10.58 2.16
CA SER B 421 2.54 -10.10 1.84
C SER B 421 2.43 -8.64 1.43
N VAL B 422 3.56 -8.02 1.21
CA VAL B 422 3.60 -6.64 0.78
C VAL B 422 4.42 -6.63 -0.49
N VAL B 423 5.34 -7.59 -0.57
CA VAL B 423 6.18 -7.77 -1.75
C VAL B 423 5.23 -8.27 -2.83
N VAL B 424 4.53 -9.35 -2.50
CA VAL B 424 3.57 -9.96 -3.42
C VAL B 424 2.57 -8.91 -3.86
N ARG B 425 2.03 -8.18 -2.90
CA ARG B 425 1.06 -7.14 -3.24
C ARG B 425 1.55 -6.29 -4.41
N ASP B 426 2.77 -5.78 -4.29
CA ASP B 426 3.35 -4.93 -5.34
C ASP B 426 3.39 -5.67 -6.66
N THR B 427 4.20 -6.73 -6.70
CA THR B 427 4.34 -7.53 -7.91
C THR B 427 2.98 -7.70 -8.62
N ALA B 428 1.97 -8.10 -7.85
CA ALA B 428 0.64 -8.32 -8.39
C ALA B 428 0.09 -7.10 -9.09
N ALA B 429 0.22 -5.93 -8.47
CA ALA B 429 -0.29 -4.70 -9.08
C ALA B 429 0.58 -4.29 -10.27
N TRP B 430 1.75 -4.93 -10.38
CA TRP B 430 2.71 -4.67 -11.46
C TRP B 430 2.23 -5.44 -12.68
N THR B 431 1.99 -6.72 -12.46
CA THR B 431 1.52 -7.63 -13.49
C THR B 431 0.31 -7.00 -14.15
N VAL B 432 -0.60 -6.52 -13.30
CA VAL B 432 -1.81 -5.85 -13.74
C VAL B 432 -1.38 -4.69 -14.61
N GLY B 433 -0.47 -3.87 -14.09
CA GLY B 433 0.01 -2.73 -14.84
C GLY B 433 0.41 -3.16 -16.24
N ARG B 434 0.86 -4.39 -16.36
CA ARG B 434 1.26 -4.90 -17.67
C ARG B 434 0.13 -5.60 -18.39
N ILE B 435 -0.86 -6.11 -17.64
CA ILE B 435 -1.97 -6.76 -18.29
C ILE B 435 -2.76 -5.71 -19.07
N CYS B 436 -2.96 -4.55 -18.47
CA CYS B 436 -3.69 -3.48 -19.14
C CYS B 436 -2.82 -3.02 -20.30
N GLU B 437 -1.81 -2.25 -19.93
CA GLU B 437 -0.87 -1.66 -20.86
C GLU B 437 -0.66 -2.47 -22.13
N LEU B 438 -0.33 -3.75 -21.97
CA LEU B 438 -0.07 -4.60 -23.13
C LEU B 438 -1.26 -5.29 -23.78
N LEU B 439 -2.39 -5.40 -23.09
CA LEU B 439 -3.52 -6.10 -23.69
C LEU B 439 -4.80 -5.34 -23.99
N PRO B 440 -4.75 -4.35 -24.89
CA PRO B 440 -5.99 -3.63 -25.19
C PRO B 440 -6.82 -4.36 -26.25
N ASP C 2 -52.56 32.83 30.50
CA ASP C 2 -52.45 31.58 29.68
C ASP C 2 -53.71 30.71 29.72
N ASP C 3 -54.12 30.23 28.56
CA ASP C 3 -55.29 29.35 28.42
C ASP C 3 -54.74 28.15 27.64
N SER C 4 -53.59 27.64 28.11
CA SER C 4 -52.86 26.54 27.49
C SER C 4 -53.53 25.20 27.12
N LYS C 5 -53.10 24.73 25.95
CA LYS C 5 -53.52 23.49 25.27
C LYS C 5 -54.06 22.31 26.07
N PRO C 6 -55.02 21.56 25.47
CA PRO C 6 -55.59 20.40 26.15
C PRO C 6 -54.52 19.29 26.23
N ALA C 7 -54.81 18.10 25.71
CA ALA C 7 -53.84 17.00 25.80
C ALA C 7 -54.48 15.75 25.24
N PHE C 8 -53.99 15.26 24.11
CA PHE C 8 -54.58 14.06 23.50
C PHE C 8 -54.29 12.84 24.34
N SER C 9 -55.35 12.08 24.64
CA SER C 9 -55.21 10.87 25.45
C SER C 9 -55.32 9.57 24.68
N PHE C 10 -54.26 8.79 24.80
CA PHE C 10 -54.18 7.49 24.15
C PHE C 10 -54.77 6.53 25.17
N GLY C 11 -55.91 5.93 24.85
CA GLY C 11 -56.54 5.00 25.77
C GLY C 11 -57.93 4.66 25.31
N UNK C 12 -58.84 5.60 25.63
CA UNK C 12 -60.24 5.52 25.26
C UNK C 12 -60.49 6.55 24.16
N UNK C 13 -60.49 6.07 22.92
CA UNK C 13 -60.72 6.88 21.73
C UNK C 13 -61.71 6.16 20.78
N UNK C 14 -61.64 6.47 19.49
CA UNK C 14 -62.54 5.84 18.52
C UNK C 14 -61.80 5.48 17.22
N UNK C 15 -61.34 4.23 17.14
CA UNK C 15 -60.63 3.74 15.97
C UNK C 15 -61.40 4.06 14.69
N UNK C 19 -65.89 7.50 -3.60
CA UNK C 19 -64.92 6.99 -4.54
C UNK C 19 -63.57 7.73 -4.47
N UNK C 20 -63.28 8.33 -3.32
CA UNK C 20 -62.02 9.07 -3.12
C UNK C 20 -61.62 9.09 -1.64
N UNK C 21 -60.34 9.35 -1.38
CA UNK C 21 -59.82 9.38 0.00
C UNK C 21 -59.83 10.78 0.66
N UNK C 22 -59.75 10.77 1.99
CA UNK C 22 -59.68 11.99 2.80
C UNK C 22 -58.38 11.76 3.58
N ALA C 23 -57.40 11.27 2.82
CA ALA C 23 -56.05 10.87 3.23
C ALA C 23 -55.39 11.25 4.56
N PHE C 24 -54.41 12.14 4.50
CA PHE C 24 -53.61 12.51 5.66
C PHE C 24 -53.16 13.99 5.63
N SER C 25 -52.70 14.54 6.76
CA SER C 25 -52.30 15.96 6.80
C SER C 25 -51.09 16.39 7.66
N PHE C 26 -50.78 17.69 7.57
CA PHE C 26 -49.67 18.33 8.31
C PHE C 26 -50.09 19.66 8.94
N LYS D 5 57.47 -22.73 -21.11
CA LYS D 5 57.27 -21.33 -20.64
C LYS D 5 57.33 -20.33 -21.78
N PRO D 6 56.57 -20.56 -22.87
CA PRO D 6 56.58 -19.64 -24.01
C PRO D 6 55.98 -18.25 -23.73
N ALA D 7 55.35 -17.68 -24.77
CA ALA D 7 54.64 -16.40 -24.73
C ALA D 7 53.98 -16.27 -26.10
N PHE D 8 52.66 -16.45 -26.17
CA PHE D 8 51.98 -16.36 -27.46
C PHE D 8 51.99 -14.93 -27.99
N SER D 9 52.40 -14.76 -29.25
CA SER D 9 52.47 -13.45 -29.85
C SER D 9 51.38 -13.14 -30.86
N PHE D 10 50.65 -12.08 -30.59
CA PHE D 10 49.58 -11.63 -31.46
C PHE D 10 50.26 -10.69 -32.45
N GLY D 11 50.30 -11.09 -33.72
CA GLY D 11 50.94 -10.29 -34.74
C GLY D 11 51.02 -10.98 -36.10
N UNK D 12 52.04 -11.79 -36.35
CA UNK D 12 52.14 -12.46 -37.66
C UNK D 12 51.95 -13.97 -37.62
N UNK D 13 50.74 -14.44 -37.92
CA UNK D 13 50.41 -15.87 -37.93
C UNK D 13 49.73 -16.33 -39.22
N UNK D 14 48.42 -16.64 -39.14
CA UNK D 14 47.63 -17.09 -40.30
C UNK D 14 46.16 -17.34 -39.93
N UNK D 15 45.22 -16.73 -40.66
CA UNK D 15 43.79 -16.92 -40.38
C UNK D 15 43.42 -18.36 -40.75
N UNK D 16 42.29 -18.53 -41.43
CA UNK D 16 41.84 -19.87 -41.82
C UNK D 16 40.61 -19.86 -42.73
N UNK D 17 40.48 -20.88 -43.56
CA UNK D 17 39.35 -21.00 -44.49
C UNK D 17 38.99 -22.46 -44.75
N UNK D 21 37.06 -33.34 -37.78
CA UNK D 21 37.48 -31.97 -37.99
C UNK D 21 37.25 -31.16 -36.71
N UNK D 22 38.19 -31.23 -35.77
CA UNK D 22 38.06 -30.50 -34.51
C UNK D 22 39.33 -30.42 -33.64
N ALA D 23 39.69 -29.19 -33.28
CA ALA D 23 40.85 -28.90 -32.42
C ALA D 23 40.48 -27.65 -31.63
N PHE D 24 41.29 -27.28 -30.65
CA PHE D 24 40.99 -26.11 -29.81
C PHE D 24 39.72 -26.41 -29.04
N SER D 25 39.78 -27.24 -28.01
CA SER D 25 38.57 -27.51 -27.27
C SER D 25 38.61 -26.67 -26.02
N PHE D 26 38.92 -27.32 -24.89
CA PHE D 26 39.00 -26.61 -23.64
C PHE D 26 40.34 -26.94 -22.99
N GLY D 27 40.29 -27.66 -21.88
CA GLY D 27 41.47 -28.08 -21.15
C GLY D 27 41.02 -29.06 -20.08
#